data_1MHC
#
_entry.id   1MHC
#
_cell.length_a   65.250
_cell.length_b   66.100
_cell.length_c   55.170
_cell.angle_alpha   102.71
_cell.angle_beta   96.28
_cell.angle_gamma   110.19
#
_symmetry.space_group_name_H-M   'P 1'
#
loop_
_entity.id
_entity.type
_entity.pdbx_description
1 polymer 'MHC CLASS I ANTIGEN H2-M3'
2 polymer 'MHC CLASS I ANTIGEN H2-M3'
3 polymer 'NONAPEPTIDE FROM RAT NADH DEHYDROGENASE'
4 non-polymer 2-acetamido-2-deoxy-beta-D-glucopyranose
5 water water
#
loop_
_entity_poly.entity_id
_entity_poly.type
_entity_poly.pdbx_seq_one_letter_code
_entity_poly.pdbx_strand_id
1 'polypeptide(L)'
;GSHSLRYFHTAVSRPGRGEPQYISVGYVDDVQFQRCDSIEEIPRMEPRAPWMEKERPEYWKELKLKVKNIAQSARANLRT
LLRYYNQSEGGSHILQWMVSCEVGPDMRLLGAHYQAAYDGSDYITLNEDLSSWTAVDMVSQITKSRLESAGTAEYFRAYV
EGECLELLHRFLRNGKEILQRADPPKAHVAHHPRPKGDVTLRCWALGFYPADITLTWQKDEEDLTQDMELVETRPSGDGT
FQKWAAVVVPSGEEQRYTCYVHHEGLTEPLALKWRSHHHHHH
;
A,D
2 'polypeptide(L)'
;IQKTPQIQVYSRHPPENGKPNILNCYVTQFHPPHIEIQMLKNGKKIPKVEMSDMSFSKDWSFYILAHTEFTPTETDTYAC
RVKHDSMAEPKTVYWDRDM
;
B,E
3 'polypeptide(L)' (FME)YFINILTL C,F
#
# COMPACT_ATOMS: atom_id res chain seq x y z
N GLY A 1 -37.91 8.26 17.82
CA GLY A 1 -38.67 7.43 16.83
C GLY A 1 -38.04 7.62 15.47
N SER A 2 -38.33 6.70 14.54
CA SER A 2 -37.77 6.71 13.17
C SER A 2 -36.35 6.16 13.17
N HIS A 3 -36.18 4.99 12.54
CA HIS A 3 -34.88 4.31 12.51
C HIS A 3 -34.33 4.06 11.12
N SER A 4 -33.03 3.80 11.04
CA SER A 4 -32.36 3.63 9.76
C SER A 4 -31.19 2.61 9.83
N LEU A 5 -31.02 1.79 8.79
CA LEU A 5 -29.91 0.83 8.73
C LEU A 5 -29.03 1.39 7.62
N ARG A 6 -27.75 1.67 7.90
CA ARG A 6 -26.87 2.28 6.90
C ARG A 6 -25.48 1.61 6.76
N TYR A 7 -24.96 1.51 5.55
CA TYR A 7 -23.65 0.93 5.33
C TYR A 7 -22.80 1.94 4.59
N PHE A 8 -21.54 2.08 4.99
CA PHE A 8 -20.63 3.01 4.32
C PHE A 8 -19.53 2.15 3.76
N HIS A 9 -19.30 2.16 2.45
CA HIS A 9 -18.28 1.30 1.87
C HIS A 9 -17.22 2.10 1.19
N THR A 10 -15.97 1.66 1.30
CA THR A 10 -14.84 2.33 0.70
C THR A 10 -13.92 1.33 0.04
N ALA A 11 -13.55 1.56 -1.21
CA ALA A 11 -12.63 0.71 -1.94
C ALA A 11 -11.49 1.65 -2.28
N VAL A 12 -10.28 1.14 -2.13
CA VAL A 12 -9.06 1.90 -2.36
C VAL A 12 -8.29 1.15 -3.42
N SER A 13 -7.70 1.83 -4.39
CA SER A 13 -6.93 1.14 -5.43
C SER A 13 -5.43 0.83 -5.20
N ARG A 14 -4.80 1.49 -4.20
CA ARG A 14 -3.37 1.28 -3.86
C ARG A 14 -3.29 1.42 -2.35
N PRO A 15 -3.79 0.42 -1.62
CA PRO A 15 -3.85 0.32 -0.17
C PRO A 15 -2.55 0.47 0.62
N GLY A 16 -1.57 -0.32 0.26
CA GLY A 16 -0.34 -0.31 1.02
C GLY A 16 -0.29 -1.74 1.55
N ARG A 17 0.73 -2.07 2.35
CA ARG A 17 0.84 -3.43 2.88
C ARG A 17 0.16 -3.47 4.23
N GLY A 18 -0.82 -4.35 4.36
CA GLY A 18 -1.54 -4.47 5.62
C GLY A 18 -2.67 -3.47 5.76
N GLU A 19 -3.09 -2.88 4.66
CA GLU A 19 -4.19 -1.95 4.72
C GLU A 19 -5.21 -2.55 3.75
N PRO A 20 -6.51 -2.54 4.13
CA PRO A 20 -7.56 -3.10 3.28
C PRO A 20 -7.73 -2.34 1.99
N GLN A 21 -8.16 -3.05 0.96
CA GLN A 21 -8.45 -2.41 -0.28
C GLN A 21 -9.97 -2.28 -0.36
N TYR A 22 -10.68 -2.82 0.62
CA TYR A 22 -12.14 -2.72 0.73
C TYR A 22 -12.48 -2.70 2.20
N ILE A 23 -13.41 -1.85 2.60
CA ILE A 23 -13.79 -1.78 4.00
C ILE A 23 -15.16 -1.20 4.11
N SER A 24 -16.03 -1.81 4.89
CA SER A 24 -17.36 -1.25 5.06
C SER A 24 -17.82 -1.39 6.49
N VAL A 25 -18.59 -0.43 6.95
CA VAL A 25 -19.12 -0.42 8.29
C VAL A 25 -20.63 -0.23 8.24
N GLY A 26 -21.32 -0.83 9.20
CA GLY A 26 -22.76 -0.74 9.23
C GLY A 26 -23.19 -0.15 10.54
N TYR A 27 -24.28 0.60 10.48
CA TYR A 27 -24.83 1.30 11.63
C TYR A 27 -26.33 1.15 11.64
N VAL A 28 -26.90 1.17 12.83
CA VAL A 28 -28.35 1.19 12.96
C VAL A 28 -28.45 2.46 13.76
N ASP A 29 -28.95 3.52 13.12
CA ASP A 29 -29.02 4.81 13.75
C ASP A 29 -27.59 5.27 14.10
N ASP A 30 -27.32 5.59 15.36
CA ASP A 30 -25.98 6.07 15.72
C ASP A 30 -25.08 5.01 16.33
N VAL A 31 -25.48 3.75 16.17
CA VAL A 31 -24.72 2.64 16.73
C VAL A 31 -24.15 1.75 15.64
N GLN A 32 -22.83 1.55 15.71
CA GLN A 32 -22.16 0.70 14.76
C GLN A 32 -22.36 -0.76 15.18
N PHE A 33 -22.69 -1.62 14.21
CA PHE A 33 -22.90 -3.03 14.47
C PHE A 33 -21.84 -4.00 13.95
N GLN A 34 -21.16 -3.67 12.85
CA GLN A 34 -20.10 -4.56 12.34
C GLN A 34 -19.09 -3.84 11.50
N ARG A 35 -18.01 -4.55 11.14
CA ARG A 35 -16.96 -4.04 10.27
C ARG A 35 -16.55 -5.16 9.33
N CYS A 36 -16.44 -4.87 8.05
CA CYS A 36 -16.01 -5.89 7.09
C CYS A 36 -14.84 -5.33 6.32
N ASP A 37 -13.90 -6.22 6.02
CA ASP A 37 -12.62 -5.94 5.34
C ASP A 37 -12.31 -6.88 4.19
N SER A 38 -11.16 -6.63 3.60
CA SER A 38 -10.59 -7.46 2.56
C SER A 38 -9.17 -6.99 2.42
N ILE A 39 -8.25 -7.66 3.10
CA ILE A 39 -6.85 -7.33 3.02
C ILE A 39 -6.24 -8.45 2.16
N GLU A 40 -5.78 -8.12 0.96
CA GLU A 40 -5.16 -9.11 0.05
C GLU A 40 -6.11 -10.21 -0.43
N GLU A 41 -7.41 -9.94 -0.42
CA GLU A 41 -8.49 -10.85 -0.86
C GLU A 41 -9.05 -11.84 0.16
N ILE A 42 -8.63 -11.65 1.41
CA ILE A 42 -9.05 -12.45 2.55
C ILE A 42 -10.01 -11.64 3.42
N PRO A 43 -11.31 -11.93 3.32
CA PRO A 43 -12.38 -11.28 4.06
C PRO A 43 -12.31 -11.51 5.57
N ARG A 44 -12.68 -10.49 6.32
CA ARG A 44 -12.69 -10.53 7.76
C ARG A 44 -13.97 -9.82 8.17
N MET A 45 -14.56 -10.26 9.27
CA MET A 45 -15.80 -9.68 9.76
C MET A 45 -15.67 -9.59 11.25
N GLU A 46 -16.13 -8.48 11.79
CA GLU A 46 -16.07 -8.28 13.22
C GLU A 46 -17.32 -7.61 13.71
N PRO A 47 -17.85 -8.12 14.84
CA PRO A 47 -19.05 -7.62 15.48
C PRO A 47 -18.62 -6.38 16.28
N ARG A 48 -19.53 -5.43 16.48
CA ARG A 48 -19.21 -4.22 17.25
C ARG A 48 -20.38 -3.83 18.13
N ALA A 49 -21.39 -4.69 18.18
CA ALA A 49 -22.57 -4.42 18.99
C ALA A 49 -23.11 -5.69 19.65
N PRO A 50 -23.64 -5.58 20.86
CA PRO A 50 -24.19 -6.72 21.61
C PRO A 50 -25.14 -7.64 20.85
N TRP A 51 -26.22 -7.10 20.30
CA TRP A 51 -27.20 -7.90 19.57
C TRP A 51 -26.67 -8.76 18.43
N MET A 52 -25.36 -8.68 18.15
CA MET A 52 -24.74 -9.47 17.08
C MET A 52 -24.40 -10.88 17.54
N GLU A 53 -24.28 -11.03 18.86
CA GLU A 53 -24.01 -12.32 19.52
C GLU A 53 -25.24 -13.26 19.38
N LYS A 54 -26.39 -12.71 19.05
CA LYS A 54 -27.61 -13.48 18.87
C LYS A 54 -27.87 -13.74 17.39
N GLU A 55 -26.83 -13.53 16.58
CA GLU A 55 -26.93 -13.75 15.13
C GLU A 55 -26.42 -15.17 14.74
N ARG A 56 -27.34 -16.02 14.28
CA ARG A 56 -27.00 -17.39 13.89
C ARG A 56 -25.99 -17.40 12.75
N PRO A 57 -25.03 -18.33 12.81
CA PRO A 57 -23.95 -18.57 11.86
C PRO A 57 -24.29 -18.54 10.38
N GLU A 58 -25.56 -18.58 10.05
CA GLU A 58 -26.00 -18.52 8.65
C GLU A 58 -25.84 -17.06 8.17
N TYR A 59 -25.66 -16.14 9.13
CA TYR A 59 -25.49 -14.72 8.84
C TYR A 59 -24.06 -14.43 8.42
N TRP A 60 -23.11 -14.83 9.23
CA TRP A 60 -21.69 -14.62 8.96
C TRP A 60 -21.20 -15.42 7.76
N LYS A 61 -21.90 -16.50 7.46
CA LYS A 61 -21.60 -17.38 6.35
C LYS A 61 -21.95 -16.67 5.04
N GLU A 62 -23.12 -16.04 4.98
CA GLU A 62 -23.50 -15.34 3.77
C GLU A 62 -22.73 -14.01 3.59
N LEU A 63 -22.44 -13.35 4.71
CA LEU A 63 -21.70 -12.10 4.68
C LEU A 63 -20.32 -12.28 4.07
N LYS A 64 -19.57 -13.27 4.55
CA LYS A 64 -18.23 -13.54 4.01
C LYS A 64 -18.27 -13.64 2.48
N LEU A 65 -19.33 -14.21 1.92
CA LEU A 65 -19.47 -14.37 0.46
C LEU A 65 -19.73 -13.02 -0.19
N LYS A 66 -20.54 -12.23 0.51
CA LYS A 66 -20.88 -10.89 0.06
C LYS A 66 -19.60 -10.02 0.07
N VAL A 67 -18.77 -10.12 1.12
CA VAL A 67 -17.56 -9.29 1.19
C VAL A 67 -16.59 -9.62 0.08
N LYS A 68 -16.37 -10.91 -0.17
CA LYS A 68 -15.47 -11.34 -1.23
C LYS A 68 -16.00 -10.83 -2.58
N ASN A 69 -17.30 -10.99 -2.83
CA ASN A 69 -17.94 -10.55 -4.06
C ASN A 69 -17.79 -9.04 -4.29
N ILE A 70 -18.22 -8.24 -3.31
CA ILE A 70 -18.18 -6.78 -3.35
C ILE A 70 -16.76 -6.24 -3.46
N ALA A 71 -15.83 -6.92 -2.81
CA ALA A 71 -14.44 -6.54 -2.87
C ALA A 71 -13.92 -6.78 -4.25
N GLN A 72 -14.54 -7.71 -4.96
CA GLN A 72 -14.07 -8.08 -6.29
C GLN A 72 -14.60 -7.13 -7.34
N SER A 73 -15.84 -6.72 -7.16
CA SER A 73 -16.46 -5.80 -8.08
C SER A 73 -15.76 -4.43 -7.95
N ALA A 74 -15.65 -3.97 -6.71
CA ALA A 74 -15.01 -2.70 -6.37
C ALA A 74 -13.66 -2.47 -7.04
N ARG A 75 -12.79 -3.47 -7.03
CA ARG A 75 -11.46 -3.35 -7.64
C ARG A 75 -11.57 -3.28 -9.15
N ALA A 76 -12.62 -3.86 -9.70
CA ALA A 76 -12.86 -3.84 -11.13
C ALA A 76 -13.34 -2.46 -11.53
N ASN A 77 -14.29 -1.92 -10.78
CA ASN A 77 -14.83 -0.60 -11.08
C ASN A 77 -13.78 0.49 -10.96
N LEU A 78 -12.89 0.36 -9.99
CA LEU A 78 -11.82 1.31 -9.83
C LEU A 78 -11.02 1.40 -11.11
N ARG A 79 -10.62 0.25 -11.66
CA ARG A 79 -9.81 0.17 -12.91
C ARG A 79 -10.54 0.73 -14.13
N THR A 80 -11.82 0.38 -14.23
CA THR A 80 -12.67 0.84 -15.30
C THR A 80 -12.80 2.36 -15.23
N LEU A 81 -13.10 2.89 -14.04
CA LEU A 81 -13.24 4.33 -13.82
C LEU A 81 -11.95 5.05 -14.22
N LEU A 82 -10.83 4.50 -13.78
CA LEU A 82 -9.51 5.06 -14.09
C LEU A 82 -9.32 5.15 -15.58
N ARG A 83 -9.80 4.15 -16.30
CA ARG A 83 -9.66 4.16 -17.74
C ARG A 83 -10.65 5.19 -18.35
N TYR A 84 -11.84 5.31 -17.77
CA TYR A 84 -12.83 6.22 -18.32
C TYR A 84 -12.56 7.71 -18.16
N TYR A 85 -11.85 8.07 -17.09
CA TYR A 85 -11.46 9.46 -16.83
C TYR A 85 -10.05 9.71 -17.38
N ASN A 86 -9.52 8.73 -18.10
CA ASN A 86 -8.18 8.73 -18.67
C ASN A 86 -7.06 9.04 -17.67
N GLN A 87 -7.25 8.65 -16.41
CA GLN A 87 -6.26 8.92 -15.36
C GLN A 87 -5.10 7.95 -15.44
N SER A 88 -3.88 8.44 -15.11
CA SER A 88 -2.66 7.61 -15.17
C SER A 88 -2.67 6.43 -14.21
N GLU A 89 -2.08 5.32 -14.64
CA GLU A 89 -2.06 4.08 -13.89
C GLU A 89 -1.50 3.99 -12.45
N GLY A 90 -0.60 4.88 -12.06
CA GLY A 90 -0.06 4.78 -10.72
C GLY A 90 -0.61 5.68 -9.62
N GLY A 91 -1.89 6.06 -9.69
CA GLY A 91 -2.48 6.94 -8.67
C GLY A 91 -3.27 6.22 -7.59
N SER A 92 -3.57 6.91 -6.50
CA SER A 92 -4.33 6.34 -5.40
C SER A 92 -5.76 6.87 -5.47
N HIS A 93 -6.70 6.04 -5.92
CA HIS A 93 -8.09 6.49 -6.04
C HIS A 93 -9.04 5.76 -5.12
N ILE A 94 -10.07 6.47 -4.68
CA ILE A 94 -11.07 5.95 -3.77
C ILE A 94 -12.44 5.97 -4.44
N LEU A 95 -13.24 4.93 -4.17
CA LEU A 95 -14.60 4.84 -4.67
C LEU A 95 -15.37 4.62 -3.37
N GLN A 96 -16.43 5.37 -3.13
CA GLN A 96 -17.20 5.20 -1.89
C GLN A 96 -18.66 5.11 -2.24
N TRP A 97 -19.43 4.35 -1.50
CA TRP A 97 -20.87 4.27 -1.70
C TRP A 97 -21.57 4.00 -0.39
N MET A 98 -22.79 4.51 -0.27
CA MET A 98 -23.58 4.36 0.95
C MET A 98 -24.83 3.69 0.51
N VAL A 99 -25.33 2.78 1.33
CA VAL A 99 -26.56 2.05 1.04
C VAL A 99 -27.36 2.13 2.33
N SER A 100 -28.61 2.54 2.24
CA SER A 100 -29.41 2.59 3.44
C SER A 100 -30.91 2.36 3.21
N CYS A 101 -31.62 2.16 4.31
CA CYS A 101 -33.06 2.01 4.30
C CYS A 101 -33.49 2.43 5.70
N GLU A 102 -34.66 3.07 5.76
CA GLU A 102 -35.20 3.53 7.01
C GLU A 102 -36.67 3.23 7.05
N VAL A 103 -37.22 3.13 8.25
CA VAL A 103 -38.63 2.84 8.43
C VAL A 103 -39.12 3.94 9.35
N GLY A 104 -40.41 4.26 9.26
CA GLY A 104 -40.97 5.32 10.10
C GLY A 104 -41.22 4.84 11.52
N PRO A 105 -41.75 5.71 12.41
CA PRO A 105 -42.02 5.31 13.80
C PRO A 105 -43.07 4.16 13.87
N ASP A 106 -43.89 4.07 12.82
CA ASP A 106 -44.91 3.03 12.66
C ASP A 106 -44.36 1.81 11.92
N MET A 107 -43.03 1.73 11.84
CA MET A 107 -42.28 0.65 11.20
C MET A 107 -42.52 0.34 9.73
N ARG A 108 -43.09 1.28 8.98
CA ARG A 108 -43.33 1.07 7.55
C ARG A 108 -42.10 1.58 6.80
N LEU A 109 -41.94 1.17 5.54
CA LEU A 109 -40.83 1.61 4.71
C LEU A 109 -41.02 3.06 4.34
N LEU A 110 -40.05 3.90 4.72
CA LEU A 110 -40.05 5.34 4.46
C LEU A 110 -39.35 5.63 3.13
N GLY A 111 -38.19 5.00 2.95
CA GLY A 111 -37.42 5.19 1.75
C GLY A 111 -36.11 4.42 1.82
N ALA A 112 -35.25 4.65 0.83
CA ALA A 112 -33.97 3.98 0.80
C ALA A 112 -32.98 4.78 -0.03
N HIS A 113 -31.67 4.63 0.23
CA HIS A 113 -30.66 5.39 -0.49
C HIS A 113 -29.54 4.56 -1.08
N TYR A 114 -29.01 5.06 -2.20
CA TYR A 114 -27.87 4.47 -2.86
C TYR A 114 -27.10 5.56 -3.57
N GLN A 115 -25.90 5.87 -3.10
CA GLN A 115 -25.09 6.90 -3.74
C GLN A 115 -23.60 6.57 -3.80
N ALA A 116 -22.94 6.91 -4.91
CA ALA A 116 -21.51 6.67 -5.04
C ALA A 116 -20.73 7.96 -5.28
N ALA A 117 -19.45 7.93 -4.96
CA ALA A 117 -18.54 9.04 -5.11
C ALA A 117 -17.24 8.45 -5.57
N TYR A 118 -16.49 9.17 -6.39
CA TYR A 118 -15.22 8.71 -6.88
C TYR A 118 -14.26 9.80 -6.53
N ASP A 119 -13.34 9.50 -5.64
CA ASP A 119 -12.32 10.46 -5.25
C ASP A 119 -12.81 11.64 -4.44
N GLY A 120 -13.83 11.40 -3.63
CA GLY A 120 -14.35 12.42 -2.75
C GLY A 120 -15.45 13.29 -3.27
N SER A 121 -15.96 13.01 -4.47
CA SER A 121 -17.02 13.80 -5.09
C SER A 121 -18.17 12.93 -5.54
N ASP A 122 -19.39 13.44 -5.44
CA ASP A 122 -20.56 12.69 -5.89
C ASP A 122 -20.22 12.14 -7.26
N TYR A 123 -20.86 11.04 -7.60
CA TYR A 123 -20.68 10.43 -8.89
C TYR A 123 -22.06 10.03 -9.41
N ILE A 124 -22.80 9.23 -8.67
CA ILE A 124 -24.12 8.87 -9.15
C ILE A 124 -25.02 8.71 -7.96
N THR A 125 -26.28 9.07 -8.13
CA THR A 125 -27.20 8.94 -7.03
C THR A 125 -28.49 8.39 -7.52
N LEU A 126 -29.09 7.52 -6.72
CA LEU A 126 -30.36 6.89 -7.02
C LEU A 126 -31.40 7.84 -6.45
N ASN A 127 -32.39 8.18 -7.27
CA ASN A 127 -33.49 9.10 -6.91
C ASN A 127 -34.49 8.55 -5.91
N GLU A 128 -35.19 9.47 -5.23
CA GLU A 128 -36.18 9.13 -4.20
C GLU A 128 -37.26 8.19 -4.72
N ASP A 129 -37.51 8.23 -6.02
CA ASP A 129 -38.52 7.36 -6.64
C ASP A 129 -37.97 5.97 -6.86
N LEU A 130 -36.72 5.77 -6.43
CA LEU A 130 -35.99 4.51 -6.54
C LEU A 130 -36.04 3.85 -7.94
N SER A 131 -35.93 4.65 -9.00
CA SER A 131 -35.97 4.12 -10.37
C SER A 131 -35.12 4.92 -11.34
N SER A 132 -34.84 6.19 -11.02
CA SER A 132 -34.04 7.04 -11.89
C SER A 132 -32.76 7.41 -11.20
N TRP A 133 -31.72 7.63 -11.98
CA TRP A 133 -30.41 8.00 -11.42
C TRP A 133 -30.06 9.40 -11.83
N THR A 134 -29.33 10.13 -10.97
CA THR A 134 -28.88 11.45 -11.37
C THR A 134 -27.36 11.36 -11.45
N ALA A 135 -26.84 11.67 -12.63
CA ALA A 135 -25.42 11.67 -12.90
C ALA A 135 -24.90 13.10 -12.82
N VAL A 136 -23.57 13.25 -12.77
CA VAL A 136 -22.96 14.56 -12.65
C VAL A 136 -21.97 15.00 -13.78
N ASP A 137 -21.81 14.18 -14.81
CA ASP A 137 -20.88 14.49 -15.90
C ASP A 137 -21.06 13.48 -17.02
N MET A 138 -20.25 13.57 -18.08
CA MET A 138 -20.38 12.63 -19.19
C MET A 138 -20.04 11.16 -18.84
N VAL A 139 -19.07 10.94 -17.97
CA VAL A 139 -18.69 9.58 -17.57
C VAL A 139 -19.83 8.90 -16.81
N SER A 140 -20.35 9.56 -15.77
CA SER A 140 -21.44 8.98 -15.02
C SER A 140 -22.72 8.96 -15.81
N GLN A 141 -22.78 9.74 -16.89
CA GLN A 141 -23.94 9.72 -17.75
C GLN A 141 -23.85 8.38 -18.51
N ILE A 142 -22.62 7.92 -18.73
CA ILE A 142 -22.42 6.65 -19.41
C ILE A 142 -22.95 5.55 -18.50
N THR A 143 -22.64 5.67 -17.22
CA THR A 143 -23.05 4.73 -16.19
C THR A 143 -24.56 4.74 -16.05
N LYS A 144 -25.13 5.93 -15.91
CA LYS A 144 -26.57 6.08 -15.74
C LYS A 144 -27.28 5.35 -16.85
N SER A 145 -26.75 5.46 -18.07
CA SER A 145 -27.31 4.84 -19.27
C SER A 145 -27.31 3.31 -19.17
N ARG A 146 -26.23 2.76 -18.64
CA ARG A 146 -26.07 1.34 -18.50
C ARG A 146 -26.99 0.79 -17.41
N LEU A 147 -27.00 1.40 -16.23
CA LEU A 147 -27.90 0.95 -15.15
C LEU A 147 -29.37 1.11 -15.52
N GLU A 148 -29.63 2.01 -16.46
CA GLU A 148 -31.00 2.21 -16.85
C GLU A 148 -31.44 1.16 -17.84
N SER A 149 -30.59 0.84 -18.81
CA SER A 149 -30.89 -0.20 -19.81
C SER A 149 -30.96 -1.59 -19.13
N ALA A 150 -29.93 -1.91 -18.35
CA ALA A 150 -29.85 -3.17 -17.64
C ALA A 150 -31.02 -3.39 -16.70
N GLY A 151 -31.56 -2.32 -16.14
CA GLY A 151 -32.70 -2.45 -15.23
C GLY A 151 -32.31 -2.50 -13.77
N THR A 152 -31.04 -2.18 -13.49
CA THR A 152 -30.49 -2.26 -12.12
C THR A 152 -31.27 -1.74 -10.90
N ALA A 153 -32.08 -0.72 -11.08
CA ALA A 153 -32.81 -0.17 -9.96
C ALA A 153 -33.71 -1.22 -9.30
N GLU A 154 -34.39 -2.02 -10.12
CA GLU A 154 -35.32 -3.01 -9.60
C GLU A 154 -34.61 -4.00 -8.68
N TYR A 155 -33.33 -4.20 -8.91
CA TYR A 155 -32.57 -5.11 -8.07
C TYR A 155 -32.27 -4.50 -6.72
N PHE A 156 -32.03 -3.19 -6.68
CA PHE A 156 -31.77 -2.58 -5.37
C PHE A 156 -33.10 -2.58 -4.63
N ARG A 157 -34.18 -2.27 -5.34
CA ARG A 157 -35.51 -2.24 -4.74
C ARG A 157 -35.79 -3.60 -4.11
N ALA A 158 -35.43 -4.67 -4.79
CA ALA A 158 -35.63 -6.02 -4.25
C ALA A 158 -34.85 -6.18 -2.94
N TYR A 159 -33.60 -5.74 -2.94
CA TYR A 159 -32.74 -5.80 -1.77
C TYR A 159 -33.32 -5.05 -0.59
N VAL A 160 -33.80 -3.86 -0.86
CA VAL A 160 -34.36 -3.02 0.17
C VAL A 160 -35.51 -3.68 0.88
N GLU A 161 -36.45 -4.15 0.08
CA GLU A 161 -37.62 -4.83 0.60
C GLU A 161 -37.31 -6.20 1.17
N GLY A 162 -36.15 -6.75 0.82
CA GLY A 162 -35.74 -8.05 1.32
C GLY A 162 -34.81 -8.00 2.53
N GLU A 163 -33.51 -8.07 2.28
CA GLU A 163 -32.47 -8.05 3.32
C GLU A 163 -32.40 -6.82 4.24
N CYS A 164 -32.56 -5.65 3.65
CA CYS A 164 -32.49 -4.43 4.41
C CYS A 164 -33.58 -4.38 5.46
N LEU A 165 -34.83 -4.50 5.03
CA LEU A 165 -35.98 -4.46 5.95
C LEU A 165 -35.83 -5.53 7.00
N GLU A 166 -35.49 -6.73 6.55
CA GLU A 166 -35.31 -7.87 7.45
C GLU A 166 -34.28 -7.61 8.54
N LEU A 167 -33.14 -7.03 8.17
CA LEU A 167 -32.08 -6.77 9.15
C LEU A 167 -32.40 -5.62 10.08
N LEU A 168 -33.08 -4.62 9.56
CA LEU A 168 -33.44 -3.49 10.37
C LEU A 168 -34.34 -3.99 11.49
N HIS A 169 -35.50 -4.52 11.11
CA HIS A 169 -36.49 -5.06 12.05
C HIS A 169 -35.90 -6.00 13.06
N ARG A 170 -35.06 -6.90 12.58
CA ARG A 170 -34.43 -7.85 13.48
C ARG A 170 -33.48 -7.12 14.42
N PHE A 171 -32.59 -6.28 13.89
CA PHE A 171 -31.63 -5.59 14.77
C PHE A 171 -32.36 -4.75 15.81
N LEU A 172 -33.45 -4.13 15.42
CA LEU A 172 -34.24 -3.32 16.34
C LEU A 172 -34.90 -4.15 17.44
N ARG A 173 -35.43 -5.31 17.08
CA ARG A 173 -36.11 -6.18 18.03
C ARG A 173 -35.08 -6.82 18.99
N ASN A 174 -33.92 -7.20 18.47
CA ASN A 174 -32.89 -7.82 19.31
C ASN A 174 -31.96 -6.82 19.97
N GLY A 175 -31.91 -5.61 19.44
CA GLY A 175 -31.04 -4.58 19.99
C GLY A 175 -31.84 -3.56 20.76
N LYS A 176 -33.13 -3.84 20.93
CA LYS A 176 -34.08 -2.99 21.64
C LYS A 176 -33.50 -2.07 22.74
N GLU A 177 -32.95 -2.63 23.80
CA GLU A 177 -32.39 -1.86 24.92
C GLU A 177 -31.41 -0.76 24.49
N ILE A 178 -30.83 -0.92 23.32
CA ILE A 178 -29.83 0.00 22.81
C ILE A 178 -30.35 1.04 21.85
N LEU A 179 -31.09 0.58 20.86
CA LEU A 179 -31.60 1.45 19.81
C LEU A 179 -32.93 2.14 20.03
N GLN A 180 -33.79 1.59 20.87
CA GLN A 180 -35.09 2.20 21.10
C GLN A 180 -35.09 2.97 22.42
N ARG A 181 -34.00 3.67 22.65
CA ARG A 181 -33.80 4.49 23.84
C ARG A 181 -33.45 5.93 23.44
N ALA A 182 -33.31 6.79 24.44
CA ALA A 182 -32.97 8.19 24.21
C ALA A 182 -32.52 8.71 25.53
N ASP A 183 -31.22 8.72 25.74
CA ASP A 183 -30.68 9.20 27.00
C ASP A 183 -30.61 10.71 26.93
N PRO A 184 -31.15 11.43 27.94
CA PRO A 184 -31.13 12.91 27.99
C PRO A 184 -29.77 13.49 28.38
N PRO A 185 -29.42 14.65 27.79
CA PRO A 185 -28.15 15.31 28.08
C PRO A 185 -28.02 15.86 29.47
N LYS A 186 -26.79 15.85 29.97
CA LYS A 186 -26.43 16.41 31.28
C LYS A 186 -25.88 17.74 30.82
N ALA A 187 -26.51 18.82 31.25
CA ALA A 187 -26.06 20.11 30.82
C ALA A 187 -25.70 21.00 31.96
N HIS A 188 -24.82 21.94 31.68
CA HIS A 188 -24.37 22.93 32.65
C HIS A 188 -23.63 24.00 31.89
N VAL A 189 -23.57 25.19 32.48
CA VAL A 189 -22.88 26.35 31.90
C VAL A 189 -21.58 26.55 32.72
N ALA A 190 -20.45 26.60 32.04
CA ALA A 190 -19.22 26.81 32.72
C ALA A 190 -18.87 28.28 32.57
N HIS A 191 -18.04 28.81 33.47
CA HIS A 191 -17.65 30.22 33.47
C HIS A 191 -16.11 30.38 33.47
N HIS A 192 -15.56 31.00 32.41
CA HIS A 192 -14.10 31.22 32.24
C HIS A 192 -13.76 32.69 32.00
N PRO A 193 -13.12 33.36 32.97
CA PRO A 193 -12.79 34.77 32.77
C PRO A 193 -11.60 34.99 31.84
N ARG A 194 -11.85 35.77 30.80
CA ARG A 194 -10.86 36.15 29.81
C ARG A 194 -10.02 37.23 30.53
N PRO A 195 -8.86 37.63 29.95
CA PRO A 195 -7.98 38.65 30.57
C PRO A 195 -8.36 40.15 30.48
N LYS A 196 -9.11 40.53 29.44
CA LYS A 196 -9.53 41.92 29.27
C LYS A 196 -10.68 42.28 30.21
N GLY A 197 -10.89 41.46 31.24
CA GLY A 197 -11.98 41.69 32.16
C GLY A 197 -13.24 40.90 31.82
N ASP A 198 -13.42 40.56 30.53
CA ASP A 198 -14.59 39.81 30.05
C ASP A 198 -14.55 38.29 30.29
N VAL A 199 -15.67 37.60 30.05
CA VAL A 199 -15.79 36.16 30.31
C VAL A 199 -16.44 35.29 29.22
N THR A 200 -15.95 34.05 29.11
CA THR A 200 -16.50 33.05 28.18
C THR A 200 -17.47 32.20 28.99
N LEU A 201 -18.65 31.98 28.43
CA LEU A 201 -19.67 31.13 29.06
C LEU A 201 -19.80 29.94 28.12
N ARG A 202 -19.54 28.74 28.62
CA ARG A 202 -19.61 27.57 27.79
C ARG A 202 -20.74 26.72 28.26
N CYS A 203 -21.66 26.47 27.35
CA CYS A 203 -22.80 25.64 27.65
C CYS A 203 -22.48 24.21 27.20
N TRP A 204 -22.41 23.31 28.16
CA TRP A 204 -22.09 21.91 27.92
C TRP A 204 -23.30 21.03 27.90
N ALA A 205 -23.23 20.00 27.08
CA ALA A 205 -24.28 19.01 26.99
C ALA A 205 -23.48 17.71 26.91
N LEU A 206 -23.63 16.85 27.91
CA LEU A 206 -22.90 15.60 27.98
C LEU A 206 -23.73 14.31 28.13
N GLY A 207 -23.24 13.24 27.51
CA GLY A 207 -23.86 11.94 27.66
C GLY A 207 -25.21 11.65 27.09
N PHE A 208 -25.49 12.19 25.90
CA PHE A 208 -26.79 11.96 25.28
C PHE A 208 -26.71 11.00 24.13
N TYR A 209 -27.84 10.37 23.82
CA TYR A 209 -27.99 9.45 22.71
C TYR A 209 -29.47 9.61 22.33
N PRO A 210 -29.81 9.84 21.03
CA PRO A 210 -28.99 9.98 19.83
C PRO A 210 -28.08 11.21 19.83
N ALA A 211 -27.32 11.36 18.74
CA ALA A 211 -26.39 12.47 18.54
C ALA A 211 -27.06 13.81 18.23
N ASP A 212 -28.27 13.76 17.68
CA ASP A 212 -29.02 14.95 17.32
C ASP A 212 -29.45 15.79 18.50
N ILE A 213 -28.87 16.99 18.60
CA ILE A 213 -29.17 17.92 19.69
C ILE A 213 -29.04 19.35 19.15
N THR A 214 -29.58 20.31 19.90
CA THR A 214 -29.51 21.73 19.55
C THR A 214 -29.19 22.57 20.78
N LEU A 215 -28.01 23.18 20.77
CA LEU A 215 -27.60 24.09 21.85
C LEU A 215 -27.64 25.49 21.25
N THR A 216 -28.40 26.42 21.84
CA THR A 216 -28.44 27.79 21.30
C THR A 216 -28.41 28.76 22.48
N TRP A 217 -27.59 29.80 22.35
CA TRP A 217 -27.47 30.82 23.38
C TRP A 217 -28.34 32.02 22.99
N GLN A 218 -28.93 32.68 23.98
CA GLN A 218 -29.78 33.84 23.71
C GLN A 218 -29.53 34.95 24.72
N LYS A 219 -29.44 36.19 24.20
CA LYS A 219 -29.28 37.40 25.01
C LYS A 219 -30.68 37.98 25.05
N ASP A 220 -31.30 37.97 26.24
CA ASP A 220 -32.67 38.46 26.42
C ASP A 220 -33.61 37.56 25.61
N GLU A 221 -33.80 37.86 24.34
CA GLU A 221 -34.64 37.05 23.45
C GLU A 221 -34.00 37.14 22.07
N GLU A 222 -32.73 37.51 22.10
CA GLU A 222 -31.92 37.67 20.92
C GLU A 222 -31.16 36.37 20.70
N ASP A 223 -31.33 35.79 19.53
CA ASP A 223 -30.66 34.56 19.17
C ASP A 223 -29.23 34.87 18.74
N LEU A 224 -28.27 34.34 19.49
CA LEU A 224 -26.87 34.59 19.22
C LEU A 224 -26.18 33.49 18.41
N THR A 225 -26.93 32.69 17.66
CA THR A 225 -26.37 31.58 16.85
C THR A 225 -25.27 31.92 15.84
N GLN A 226 -25.27 33.12 15.28
CA GLN A 226 -24.23 33.46 14.33
C GLN A 226 -22.94 33.84 15.03
N ASP A 227 -23.10 34.44 16.22
CA ASP A 227 -21.98 34.93 17.03
C ASP A 227 -21.39 33.97 18.07
N MET A 228 -21.98 32.79 18.24
CA MET A 228 -21.48 31.82 19.20
C MET A 228 -20.52 30.80 18.59
N GLU A 229 -19.58 30.32 19.40
CA GLU A 229 -18.61 29.33 18.98
C GLU A 229 -19.18 27.93 19.27
N LEU A 230 -19.18 27.05 18.28
CA LEU A 230 -19.75 25.72 18.45
C LEU A 230 -18.85 24.61 17.91
N VAL A 231 -18.74 23.52 18.66
CA VAL A 231 -17.93 22.37 18.21
C VAL A 231 -18.89 21.38 17.59
N GLU A 232 -18.49 20.62 16.57
CA GLU A 232 -19.42 19.63 16.00
C GLU A 232 -19.61 18.49 17.03
N THR A 233 -20.78 17.87 17.05
CA THR A 233 -21.03 16.85 18.07
C THR A 233 -19.98 15.75 18.05
N ARG A 234 -19.46 15.38 19.20
CA ARG A 234 -18.41 14.38 19.21
C ARG A 234 -18.74 13.15 20.08
N PRO A 235 -18.20 11.96 19.74
CA PRO A 235 -18.45 10.75 20.52
C PRO A 235 -17.67 10.72 21.80
N SER A 236 -18.32 10.38 22.91
CA SER A 236 -17.65 10.28 24.20
C SER A 236 -16.88 8.94 24.21
N GLY A 237 -17.32 8.01 23.36
CA GLY A 237 -16.66 6.71 23.28
C GLY A 237 -17.39 5.56 23.94
N ASP A 238 -18.46 5.81 24.70
CA ASP A 238 -19.23 4.76 25.38
C ASP A 238 -20.64 4.62 24.79
N GLY A 239 -20.81 5.18 23.60
CA GLY A 239 -22.10 5.16 22.92
C GLY A 239 -22.92 6.44 23.03
N THR A 240 -22.43 7.39 23.83
CA THR A 240 -23.08 8.68 24.07
C THR A 240 -22.23 9.81 23.48
N PHE A 241 -22.83 10.99 23.30
CA PHE A 241 -22.13 12.13 22.72
C PHE A 241 -22.10 13.37 23.61
N GLN A 242 -21.36 14.35 23.16
CA GLN A 242 -21.24 15.61 23.86
C GLN A 242 -21.07 16.74 22.88
N LYS A 243 -21.31 17.95 23.36
CA LYS A 243 -21.18 19.15 22.55
C LYS A 243 -21.22 20.34 23.47
N TRP A 244 -20.59 21.43 23.05
CA TRP A 244 -20.64 22.67 23.84
C TRP A 244 -20.70 23.86 22.92
N ALA A 245 -21.38 24.89 23.41
CA ALA A 245 -21.55 26.16 22.70
C ALA A 245 -21.10 27.28 23.65
N ALA A 246 -20.19 28.13 23.16
CA ALA A 246 -19.67 29.25 23.95
C ALA A 246 -19.97 30.63 23.36
N VAL A 247 -20.20 31.61 24.24
CA VAL A 247 -20.39 33.01 23.83
C VAL A 247 -19.45 33.79 24.73
N VAL A 248 -19.01 34.95 24.29
CA VAL A 248 -18.16 35.78 25.14
C VAL A 248 -19.04 36.93 25.62
N VAL A 249 -19.04 37.17 26.92
CA VAL A 249 -19.85 38.22 27.47
C VAL A 249 -19.08 39.12 28.43
N PRO A 250 -19.40 40.42 28.46
CA PRO A 250 -18.69 41.33 29.38
C PRO A 250 -19.05 40.98 30.82
N SER A 251 -18.08 41.05 31.74
CA SER A 251 -18.35 40.71 33.15
C SER A 251 -19.52 41.52 33.67
N GLY A 252 -20.25 40.94 34.62
CA GLY A 252 -21.41 41.63 35.19
C GLY A 252 -22.73 41.34 34.48
N GLU A 253 -22.70 41.31 33.14
CA GLU A 253 -23.89 41.05 32.31
C GLU A 253 -24.23 39.55 32.08
N GLU A 254 -23.65 38.68 32.92
CA GLU A 254 -23.87 37.23 32.80
C GLU A 254 -25.31 36.71 32.91
N GLN A 255 -26.11 37.24 33.81
CA GLN A 255 -27.47 36.77 33.94
C GLN A 255 -28.34 37.08 32.73
N ARG A 256 -27.88 38.01 31.90
CA ARG A 256 -28.63 38.40 30.71
C ARG A 256 -28.78 37.23 29.71
N TYR A 257 -27.83 36.29 29.75
CA TYR A 257 -27.69 35.12 28.84
C TYR A 257 -28.31 33.77 29.22
N THR A 258 -28.94 33.11 28.27
CA THR A 258 -29.56 31.82 28.56
C THR A 258 -29.17 30.77 27.53
N CYS A 259 -29.02 29.52 27.98
CA CYS A 259 -28.67 28.47 27.05
C CYS A 259 -29.85 27.57 26.97
N TYR A 260 -30.13 27.13 25.77
CA TYR A 260 -31.25 26.24 25.52
C TYR A 260 -30.72 24.95 24.89
N VAL A 261 -31.18 23.83 25.43
CA VAL A 261 -30.78 22.52 24.97
C VAL A 261 -32.05 21.78 24.55
N HIS A 262 -32.05 21.27 23.33
CA HIS A 262 -33.19 20.56 22.82
C HIS A 262 -32.71 19.20 22.49
N HIS A 263 -33.30 18.18 23.11
CA HIS A 263 -32.92 16.81 22.82
C HIS A 263 -34.19 15.95 22.96
N GLU A 264 -34.34 14.91 22.13
CA GLU A 264 -35.53 14.07 22.21
C GLU A 264 -35.61 13.24 23.48
N GLY A 265 -34.57 13.32 24.29
CA GLY A 265 -34.56 12.59 25.54
C GLY A 265 -35.14 13.45 26.63
N LEU A 266 -35.21 14.75 26.35
CA LEU A 266 -35.74 15.69 27.31
C LEU A 266 -37.24 15.84 27.12
N THR A 267 -37.93 16.07 28.23
CA THR A 267 -39.36 16.25 28.28
C THR A 267 -39.74 17.63 27.72
N GLU A 268 -38.87 18.61 27.98
CA GLU A 268 -39.04 19.99 27.53
C GLU A 268 -37.62 20.55 27.48
N PRO A 269 -37.32 21.48 26.57
CA PRO A 269 -35.96 22.01 26.53
C PRO A 269 -35.48 22.60 27.86
N LEU A 270 -34.19 22.49 28.12
CA LEU A 270 -33.63 23.05 29.33
C LEU A 270 -33.15 24.45 28.99
N ALA A 271 -33.24 25.30 29.98
CA ALA A 271 -32.85 26.67 29.80
C ALA A 271 -31.97 26.97 30.99
N LEU A 272 -30.66 26.90 30.76
CA LEU A 272 -29.64 27.14 31.78
C LEU A 272 -29.06 28.56 31.72
N LYS A 273 -28.69 29.12 32.87
CA LYS A 273 -28.03 30.44 32.97
C LYS A 273 -26.83 30.12 33.84
N TRP A 274 -25.86 31.02 33.97
CA TRP A 274 -24.75 30.68 34.85
C TRP A 274 -25.17 30.90 36.30
N ARG A 275 -24.98 29.88 37.13
CA ARG A 275 -25.34 29.92 38.53
C ARG A 275 -24.13 30.36 39.35
N SER A 276 -24.41 31.20 40.35
CA SER A 276 -23.48 31.79 41.32
C SER A 276 -23.62 33.31 41.25
N ILE B 1 -8.31 17.07 -3.92
CA ILE B 1 -9.52 16.87 -3.06
C ILE B 1 -9.10 16.78 -1.61
N GLN B 2 -7.80 16.93 -1.38
CA GLN B 2 -7.26 16.86 -0.03
C GLN B 2 -8.07 17.83 0.79
N LYS B 3 -8.80 17.29 1.78
CA LYS B 3 -9.60 18.09 2.70
C LYS B 3 -8.90 18.02 4.05
N THR B 4 -8.49 19.17 4.57
CA THR B 4 -7.78 19.19 5.83
C THR B 4 -8.61 18.63 6.98
N PRO B 5 -7.99 17.81 7.85
CA PRO B 5 -8.71 17.26 8.99
C PRO B 5 -8.94 18.27 10.11
N GLN B 6 -10.07 18.17 10.75
CA GLN B 6 -10.38 19.02 11.87
C GLN B 6 -10.09 18.10 13.02
N ILE B 7 -9.51 18.64 14.08
CA ILE B 7 -9.13 17.84 15.22
C ILE B 7 -9.67 18.41 16.53
N GLN B 8 -10.11 17.53 17.43
CA GLN B 8 -10.65 17.91 18.74
C GLN B 8 -10.06 16.95 19.75
N VAL B 9 -9.53 17.46 20.85
CA VAL B 9 -8.92 16.65 21.88
C VAL B 9 -9.72 16.95 23.12
N TYR B 10 -10.30 15.91 23.72
CA TYR B 10 -11.17 16.07 24.87
C TYR B 10 -11.24 14.80 25.69
N SER B 11 -11.80 14.89 26.88
CA SER B 11 -11.91 13.73 27.75
C SER B 11 -13.32 13.17 27.75
N ARG B 12 -13.45 11.86 27.94
CA ARG B 12 -14.77 11.25 27.99
C ARG B 12 -15.61 11.86 29.09
N HIS B 13 -15.03 11.97 30.28
CA HIS B 13 -15.77 12.52 31.42
C HIS B 13 -15.08 13.81 31.84
N PRO B 14 -15.78 14.68 32.57
CA PRO B 14 -15.19 15.93 33.03
C PRO B 14 -13.92 15.58 33.79
N PRO B 15 -12.83 16.36 33.62
CA PRO B 15 -11.55 16.11 34.29
C PRO B 15 -11.49 16.41 35.79
N GLU B 16 -10.82 15.54 36.53
CA GLU B 16 -10.63 15.73 37.95
C GLU B 16 -9.18 15.28 38.12
N ASN B 17 -8.37 16.12 38.76
CA ASN B 17 -6.96 15.78 38.98
C ASN B 17 -6.88 14.54 39.85
N GLY B 18 -6.14 13.54 39.35
CA GLY B 18 -5.97 12.30 40.07
C GLY B 18 -7.02 11.22 39.85
N LYS B 19 -8.00 11.47 39.00
CA LYS B 19 -9.05 10.51 38.70
C LYS B 19 -8.82 10.04 37.28
N PRO B 20 -8.81 8.72 37.04
CA PRO B 20 -8.60 8.18 35.69
C PRO B 20 -9.74 8.55 34.75
N ASN B 21 -9.46 8.60 33.45
CA ASN B 21 -10.43 9.04 32.48
C ASN B 21 -9.91 8.53 31.13
N ILE B 22 -10.68 8.76 30.04
CA ILE B 22 -10.24 8.37 28.70
C ILE B 22 -10.05 9.67 27.92
N LEU B 23 -8.92 9.79 27.24
CA LEU B 23 -8.60 10.96 26.46
C LEU B 23 -8.85 10.60 25.02
N ASN B 24 -9.68 11.41 24.38
CA ASN B 24 -10.07 11.23 23.00
C ASN B 24 -9.47 12.26 22.05
N CYS B 25 -9.17 11.80 20.84
CA CYS B 25 -8.67 12.65 19.76
C CYS B 25 -9.61 12.29 18.61
N TYR B 26 -10.63 13.11 18.38
CA TYR B 26 -11.60 12.93 17.32
C TYR B 26 -11.12 13.68 16.08
N VAL B 27 -10.78 12.99 15.00
CA VAL B 27 -10.33 13.65 13.77
C VAL B 27 -11.44 13.49 12.74
N THR B 28 -11.86 14.57 12.11
CA THR B 28 -12.94 14.50 11.12
C THR B 28 -12.68 15.33 9.89
N GLN B 29 -13.55 15.14 8.92
CA GLN B 29 -13.55 15.88 7.65
C GLN B 29 -12.31 15.85 6.78
N PHE B 30 -11.63 14.71 6.69
CA PHE B 30 -10.46 14.64 5.84
C PHE B 30 -10.70 13.74 4.67
N HIS B 31 -9.80 13.78 3.72
CA HIS B 31 -9.88 12.98 2.50
C HIS B 31 -8.58 13.22 1.78
N PRO B 32 -7.88 12.16 1.32
CA PRO B 32 -8.15 10.71 1.36
C PRO B 32 -8.14 10.10 2.76
N PRO B 33 -8.57 8.84 2.91
CA PRO B 33 -8.60 8.20 4.23
C PRO B 33 -7.29 7.91 4.95
N HIS B 34 -6.21 7.79 4.23
CA HIS B 34 -4.92 7.52 4.84
C HIS B 34 -4.48 8.64 5.82
N ILE B 35 -4.44 8.33 7.12
CA ILE B 35 -4.02 9.30 8.13
C ILE B 35 -3.12 8.68 9.22
N GLU B 36 -2.31 9.48 9.87
CA GLU B 36 -1.43 8.98 10.92
C GLU B 36 -1.74 9.73 12.18
N ILE B 37 -2.09 9.02 13.25
CA ILE B 37 -2.40 9.72 14.49
C ILE B 37 -1.58 9.16 15.65
N GLN B 38 -1.15 10.06 16.54
CA GLN B 38 -0.37 9.66 17.68
C GLN B 38 -0.86 10.50 18.80
N MET B 39 -0.87 9.96 20.00
CA MET B 39 -1.26 10.74 21.16
C MET B 39 -0.03 10.83 22.03
N LEU B 40 0.22 11.97 22.66
CA LEU B 40 1.42 12.16 23.46
C LEU B 40 1.16 12.56 24.88
N LYS B 41 2.14 12.26 25.72
CA LYS B 41 2.14 12.57 27.15
C LYS B 41 3.54 13.11 27.38
N ASN B 42 3.64 14.38 27.81
CA ASN B 42 4.92 15.04 28.03
C ASN B 42 5.86 14.93 26.84
N GLY B 43 5.32 14.86 25.64
CA GLY B 43 6.16 14.75 24.47
C GLY B 43 6.60 13.36 24.06
N LYS B 44 6.15 12.34 24.78
CA LYS B 44 6.46 10.96 24.44
C LYS B 44 5.18 10.41 23.90
N LYS B 45 5.30 9.52 22.92
CA LYS B 45 4.17 8.86 22.27
C LYS B 45 3.56 7.85 23.25
N ILE B 46 2.24 7.87 23.41
CA ILE B 46 1.56 6.92 24.27
C ILE B 46 1.48 5.60 23.47
N PRO B 47 1.93 4.50 24.08
CA PRO B 47 1.91 3.20 23.39
C PRO B 47 0.57 2.48 23.16
N LYS B 48 -0.34 2.48 24.14
CA LYS B 48 -1.60 1.77 23.92
C LYS B 48 -2.73 2.67 23.53
N VAL B 49 -2.79 2.98 22.24
CA VAL B 49 -3.82 3.85 21.74
C VAL B 49 -4.80 3.03 20.94
N GLU B 50 -6.07 3.13 21.31
CA GLU B 50 -7.13 2.39 20.67
C GLU B 50 -7.80 3.28 19.65
N MET B 51 -8.14 2.72 18.50
CA MET B 51 -8.77 3.49 17.48
C MET B 51 -9.99 2.80 16.91
N SER B 52 -11.08 3.54 16.85
CA SER B 52 -12.32 3.05 16.30
C SER B 52 -12.08 2.84 14.80
N ASP B 53 -13.05 2.27 14.13
CA ASP B 53 -12.87 2.08 12.71
C ASP B 53 -13.13 3.43 12.07
N MET B 54 -12.64 3.57 10.86
CA MET B 54 -12.81 4.77 10.11
C MET B 54 -14.08 4.64 9.31
N SER B 55 -14.84 5.72 9.31
CA SER B 55 -16.09 5.75 8.56
C SER B 55 -16.13 7.09 7.82
N PHE B 56 -17.25 7.42 7.22
CA PHE B 56 -17.34 8.68 6.52
C PHE B 56 -18.74 9.28 6.59
N SER B 57 -18.83 10.59 6.34
CA SER B 57 -20.11 11.28 6.42
C SER B 57 -20.77 11.44 5.07
N LYS B 58 -21.93 12.11 5.06
CA LYS B 58 -22.68 12.33 3.83
C LYS B 58 -21.94 13.14 2.77
N ASP B 59 -20.93 13.90 3.18
CA ASP B 59 -20.14 14.69 2.23
C ASP B 59 -18.90 13.92 1.83
N TRP B 60 -18.95 12.60 2.07
CA TRP B 60 -17.88 11.65 1.80
C TRP B 60 -16.60 11.75 2.64
N SER B 61 -16.43 12.74 3.51
CA SER B 61 -15.19 12.86 4.28
C SER B 61 -15.13 11.91 5.42
N PHE B 62 -13.92 11.54 5.77
CA PHE B 62 -13.72 10.55 6.80
C PHE B 62 -13.60 11.09 8.19
N TYR B 63 -13.80 10.20 9.16
CA TYR B 63 -13.69 10.54 10.55
C TYR B 63 -13.22 9.32 11.34
N ILE B 64 -12.50 9.53 12.43
CA ILE B 64 -11.98 8.42 13.22
C ILE B 64 -11.73 8.91 14.62
N LEU B 65 -11.76 8.02 15.59
CA LEU B 65 -11.52 8.40 16.99
C LEU B 65 -10.39 7.59 17.60
N ALA B 66 -9.48 8.26 18.28
CA ALA B 66 -8.37 7.61 18.94
C ALA B 66 -8.59 7.87 20.42
N HIS B 67 -8.16 6.96 21.26
CA HIS B 67 -8.34 7.20 22.68
C HIS B 67 -7.37 6.41 23.47
N THR B 68 -7.26 6.76 24.74
CA THR B 68 -6.33 6.10 25.60
C THR B 68 -6.77 6.47 26.99
N GLU B 69 -6.15 5.86 27.98
CA GLU B 69 -6.49 6.09 29.37
C GLU B 69 -5.49 7.06 29.93
N PHE B 70 -5.95 7.95 30.79
CA PHE B 70 -5.05 8.93 31.37
C PHE B 70 -5.65 9.42 32.66
N THR B 71 -4.83 10.13 33.41
CA THR B 71 -5.25 10.68 34.67
C THR B 71 -4.77 12.14 34.66
N PRO B 72 -5.71 13.09 34.68
CA PRO B 72 -5.34 14.51 34.67
C PRO B 72 -4.38 14.90 35.80
N THR B 73 -3.57 15.91 35.52
CA THR B 73 -2.56 16.41 36.44
C THR B 73 -2.16 17.82 35.98
N GLU B 74 -1.54 18.58 36.87
CA GLU B 74 -1.08 19.93 36.55
C GLU B 74 0.22 19.95 35.75
N THR B 75 1.12 19.04 36.09
CA THR B 75 2.43 18.93 35.45
C THR B 75 2.41 18.25 34.06
N ASP B 76 1.46 17.33 33.88
CA ASP B 76 1.34 16.56 32.65
C ASP B 76 0.60 17.23 31.49
N THR B 77 1.21 17.19 30.32
CA THR B 77 0.61 17.79 29.15
C THR B 77 0.30 16.62 28.23
N TYR B 78 -0.89 16.63 27.64
CA TYR B 78 -1.34 15.58 26.74
C TYR B 78 -1.67 16.26 25.44
N ALA B 79 -1.25 15.68 24.32
CA ALA B 79 -1.51 16.25 23.00
C ALA B 79 -1.87 15.18 22.01
N CYS B 80 -2.45 15.58 20.89
CA CYS B 80 -2.76 14.64 19.83
C CYS B 80 -2.15 15.19 18.54
N ARG B 81 -1.39 14.38 17.82
CA ARG B 81 -0.75 14.82 16.61
C ARG B 81 -1.16 13.99 15.43
N VAL B 82 -1.44 14.65 14.29
CA VAL B 82 -1.88 13.93 13.11
C VAL B 82 -1.11 14.37 11.89
N LYS B 83 -1.05 13.50 10.88
CA LYS B 83 -0.35 13.77 9.64
C LYS B 83 -1.25 13.24 8.55
N HIS B 84 -1.53 14.08 7.56
CA HIS B 84 -2.37 13.72 6.42
C HIS B 84 -1.65 14.32 5.23
N ASP B 85 -1.85 13.75 4.04
CA ASP B 85 -1.20 14.22 2.82
C ASP B 85 -1.59 15.66 2.46
N SER B 86 -2.61 16.19 3.11
CA SER B 86 -3.04 17.55 2.83
C SER B 86 -2.30 18.61 3.64
N MET B 87 -1.41 18.18 4.53
CA MET B 87 -0.68 19.12 5.38
C MET B 87 0.82 19.04 5.17
N ALA B 88 1.47 20.18 4.96
CA ALA B 88 2.92 20.20 4.76
C ALA B 88 3.62 19.67 6.01
N GLU B 89 3.09 20.05 7.18
CA GLU B 89 3.66 19.66 8.47
C GLU B 89 2.60 18.99 9.32
N PRO B 90 3.02 18.20 10.31
CA PRO B 90 2.05 17.55 11.18
C PRO B 90 1.45 18.56 12.16
N LYS B 91 0.19 18.36 12.52
CA LYS B 91 -0.50 19.25 13.42
C LYS B 91 -0.62 18.61 14.78
N THR B 92 -0.25 19.34 15.85
CA THR B 92 -0.33 18.89 17.24
C THR B 92 -1.36 19.78 17.91
N VAL B 93 -2.38 19.18 18.53
CA VAL B 93 -3.42 19.92 19.24
C VAL B 93 -3.25 19.51 20.70
N TYR B 94 -3.30 20.48 21.61
CA TYR B 94 -3.13 20.21 23.03
C TYR B 94 -4.45 20.02 23.77
N TRP B 95 -4.42 19.21 24.81
CA TRP B 95 -5.61 19.01 25.56
C TRP B 95 -5.74 20.24 26.43
N ASP B 96 -6.90 20.89 26.39
CA ASP B 96 -7.18 22.08 27.20
C ASP B 96 -8.41 21.68 27.96
N ARG B 97 -8.25 21.47 29.25
CA ARG B 97 -9.30 21.03 30.16
C ARG B 97 -10.65 21.67 30.06
N ASP B 98 -10.71 22.90 29.60
CA ASP B 98 -11.98 23.60 29.55
C ASP B 98 -12.74 23.50 28.22
N MET B 99 -12.13 22.86 27.23
CA MET B 99 -12.75 22.69 25.93
C MET B 99 -12.89 21.18 25.63
N TYR C 2 -24.56 -4.37 -0.56
CA TYR C 2 -24.92 -4.41 -1.96
C TYR C 2 -23.94 -3.50 -2.74
N PHE C 3 -23.67 -3.86 -3.97
CA PHE C 3 -22.81 -3.10 -4.85
C PHE C 3 -23.33 -3.26 -6.26
N ILE C 4 -23.59 -2.14 -6.91
CA ILE C 4 -24.07 -2.14 -8.29
C ILE C 4 -22.86 -1.88 -9.17
N ASN C 5 -22.75 -2.64 -10.23
CA ASN C 5 -21.60 -2.50 -11.09
C ASN C 5 -21.53 -1.17 -11.82
N ILE C 6 -20.74 -0.26 -11.24
CA ILE C 6 -20.57 1.08 -11.81
C ILE C 6 -20.24 0.97 -13.29
N LEU C 7 -19.13 0.38 -13.65
CA LEU C 7 -18.86 0.32 -15.07
C LEU C 7 -18.42 -1.00 -15.66
N THR C 8 -18.97 -1.30 -16.85
CA THR C 8 -18.72 -2.55 -17.63
C THR C 8 -18.95 -3.83 -16.78
N LEU C 9 -19.71 -3.63 -15.69
CA LEU C 9 -20.09 -4.63 -14.70
C LEU C 9 -18.98 -4.95 -13.67
N GLY D 1 38.40 -10.55 -15.45
CA GLY D 1 37.98 -10.07 -14.08
C GLY D 1 37.16 -11.12 -13.35
N SER D 2 37.85 -12.09 -12.80
CA SER D 2 37.20 -13.17 -12.11
C SER D 2 36.14 -12.83 -11.06
N HIS D 3 36.40 -11.89 -10.16
CA HIS D 3 35.38 -11.61 -9.13
C HIS D 3 34.98 -10.16 -8.90
N SER D 4 33.79 -9.94 -8.35
CA SER D 4 33.34 -8.59 -8.14
C SER D 4 32.33 -8.48 -7.03
N LEU D 5 32.40 -7.38 -6.31
CA LEU D 5 31.48 -7.11 -5.20
C LEU D 5 30.64 -5.95 -5.76
N ARG D 6 29.32 -6.14 -5.85
CA ARG D 6 28.43 -5.14 -6.43
C ARG D 6 27.23 -4.79 -5.57
N TYR D 7 26.89 -3.51 -5.47
CA TYR D 7 25.71 -3.10 -4.69
C TYR D 7 24.76 -2.33 -5.61
N PHE D 8 23.48 -2.60 -5.47
CA PHE D 8 22.43 -1.98 -6.27
C PHE D 8 21.53 -1.23 -5.30
N HIS D 9 21.55 0.09 -5.39
CA HIS D 9 20.75 0.89 -4.47
C HIS D 9 19.63 1.57 -5.20
N THR D 10 18.49 1.65 -4.54
CA THR D 10 17.31 2.29 -5.10
C THR D 10 16.67 3.14 -4.01
N ALA D 11 16.48 4.43 -4.30
CA ALA D 11 15.80 5.33 -3.38
C ALA D 11 14.50 5.72 -4.10
N VAL D 12 13.43 5.81 -3.35
CA VAL D 12 12.14 6.09 -3.92
C VAL D 12 11.52 7.21 -3.12
N SER D 13 10.99 8.23 -3.79
CA SER D 13 10.31 9.32 -3.08
C SER D 13 8.83 8.93 -3.16
N ARG D 14 8.06 9.13 -2.10
CA ARG D 14 6.62 8.76 -2.11
C ARG D 14 6.43 7.25 -2.40
N PRO D 15 6.97 6.39 -1.51
CA PRO D 15 6.91 4.93 -1.62
C PRO D 15 5.53 4.26 -1.58
N GLY D 16 4.86 4.44 -0.45
CA GLY D 16 3.56 3.84 -0.23
C GLY D 16 3.64 3.55 1.26
N ARG D 17 2.52 3.33 1.92
CA ARG D 17 2.57 3.05 3.35
C ARG D 17 3.14 1.64 3.51
N GLY D 18 4.13 1.48 4.41
CA GLY D 18 4.75 0.18 4.66
C GLY D 18 5.92 -0.24 3.76
N GLU D 19 6.08 0.39 2.60
CA GLU D 19 7.18 0.06 1.69
C GLU D 19 8.40 0.93 2.00
N PRO D 20 9.60 0.47 1.62
CA PRO D 20 10.72 1.34 1.97
C PRO D 20 11.10 2.46 1.02
N GLN D 21 11.67 3.50 1.62
CA GLN D 21 12.17 4.67 0.94
C GLN D 21 13.48 4.35 0.27
N TYR D 22 14.23 3.48 0.94
CA TYR D 22 15.57 3.02 0.50
C TYR D 22 15.77 1.51 0.54
N ILE D 23 16.46 1.00 -0.45
CA ILE D 23 16.73 -0.42 -0.49
C ILE D 23 17.93 -0.72 -1.34
N SER D 24 18.84 -1.51 -0.79
CA SER D 24 20.02 -1.91 -1.56
C SER D 24 20.33 -3.40 -1.30
N VAL D 25 20.88 -4.07 -2.31
CA VAL D 25 21.24 -5.47 -2.21
C VAL D 25 22.70 -5.60 -2.64
N GLY D 26 23.44 -6.49 -1.97
CA GLY D 26 24.83 -6.73 -2.30
C GLY D 26 24.95 -8.12 -2.93
N TYR D 27 25.88 -8.28 -3.84
CA TYR D 27 26.12 -9.51 -4.53
C TYR D 27 27.62 -9.66 -4.64
N VAL D 28 28.08 -10.91 -4.69
CA VAL D 28 29.48 -11.21 -4.97
C VAL D 28 29.20 -12.13 -6.16
N ASP D 29 29.58 -11.68 -7.34
CA ASP D 29 29.35 -12.40 -8.58
C ASP D 29 27.86 -12.65 -8.75
N ASP D 30 27.38 -13.89 -8.83
CA ASP D 30 25.96 -14.12 -9.01
C ASP D 30 25.24 -14.56 -7.75
N VAL D 31 25.87 -14.35 -6.61
CA VAL D 31 25.30 -14.76 -5.33
C VAL D 31 24.99 -13.54 -4.48
N GLN D 32 23.75 -13.40 -4.07
CA GLN D 32 23.34 -12.27 -3.22
C GLN D 32 23.75 -12.57 -1.79
N PHE D 33 24.35 -11.59 -1.11
CA PHE D 33 24.77 -11.78 0.28
C PHE D 33 23.97 -11.07 1.36
N GLN D 34 23.32 -9.95 1.02
CA GLN D 34 22.50 -9.22 2.00
C GLN D 34 21.43 -8.33 1.37
N ARG D 35 20.57 -7.82 2.23
CA ARG D 35 19.52 -6.91 1.85
C ARG D 35 19.45 -5.83 2.93
N CYS D 36 19.45 -4.56 2.53
CA CYS D 36 19.31 -3.44 3.48
C CYS D 36 18.11 -2.62 3.05
N ASP D 37 17.39 -2.11 4.06
CA ASP D 37 16.18 -1.30 3.95
C ASP D 37 16.22 -0.10 4.87
N SER D 38 15.11 0.62 4.82
CA SER D 38 14.84 1.76 5.69
C SER D 38 13.36 2.05 5.51
N ILE D 39 12.54 1.73 6.49
CA ILE D 39 11.10 2.00 6.39
C ILE D 39 10.69 3.04 7.42
N GLU D 40 10.31 4.21 6.92
CA GLU D 40 9.89 5.30 7.80
C GLU D 40 10.96 5.50 8.86
N GLU D 41 12.18 5.54 8.35
CA GLU D 41 13.41 5.74 9.13
C GLU D 41 14.08 4.64 10.00
N ILE D 42 13.58 3.41 9.96
CA ILE D 42 14.22 2.32 10.70
C ILE D 42 14.91 1.49 9.63
N PRO D 43 16.21 1.25 9.81
CA PRO D 43 16.96 0.45 8.85
C PRO D 43 16.78 -1.00 9.24
N ARG D 44 16.82 -1.90 8.25
CA ARG D 44 16.69 -3.35 8.51
C ARG D 44 17.79 -3.95 7.67
N MET D 45 18.43 -4.99 8.21
CA MET D 45 19.50 -5.69 7.51
C MET D 45 19.21 -7.15 7.64
N GLU D 46 19.37 -7.86 6.53
CA GLU D 46 19.15 -9.29 6.50
C GLU D 46 20.24 -10.01 5.67
N PRO D 47 20.74 -11.13 6.18
CA PRO D 47 21.75 -11.97 5.56
C PRO D 47 21.05 -12.84 4.53
N ARG D 48 21.69 -13.14 3.41
CA ARG D 48 21.11 -13.98 2.38
C ARG D 48 22.08 -15.04 1.83
N ALA D 49 23.25 -15.15 2.46
CA ALA D 49 24.28 -16.13 2.06
C ALA D 49 24.91 -16.72 3.31
N PRO D 50 25.37 -17.97 3.26
CA PRO D 50 25.99 -18.72 4.37
C PRO D 50 27.17 -18.06 5.05
N TRP D 51 28.15 -17.62 4.26
CA TRP D 51 29.34 -16.96 4.81
C TRP D 51 29.11 -15.73 5.67
N MET D 52 27.86 -15.27 5.77
CA MET D 52 27.52 -14.07 6.53
C MET D 52 27.42 -14.34 8.02
N GLU D 53 27.51 -15.61 8.40
CA GLU D 53 27.46 -16.03 9.79
C GLU D 53 28.85 -15.89 10.42
N LYS D 54 29.84 -15.72 9.56
CA LYS D 54 31.21 -15.57 10.00
C LYS D 54 31.62 -14.11 10.20
N GLU D 55 30.62 -13.24 10.32
CA GLU D 55 30.87 -11.81 10.49
C GLU D 55 30.64 -11.48 11.94
N ARG D 56 31.46 -10.59 12.46
CA ARG D 56 31.35 -10.16 13.84
C ARG D 56 30.08 -9.31 13.92
N PRO D 57 29.46 -9.21 15.12
CA PRO D 57 28.25 -8.39 15.23
C PRO D 57 28.55 -6.92 14.83
N GLU D 58 29.83 -6.55 14.90
CA GLU D 58 30.33 -5.22 14.56
C GLU D 58 30.05 -4.81 13.11
N TYR D 59 30.18 -5.77 12.18
CA TYR D 59 29.92 -5.56 10.76
C TYR D 59 28.51 -5.01 10.63
N TRP D 60 27.59 -5.63 11.36
CA TRP D 60 26.20 -5.24 11.36
C TRP D 60 25.97 -3.90 12.08
N LYS D 61 26.91 -3.47 12.93
CA LYS D 61 26.77 -2.18 13.64
C LYS D 61 27.11 -1.09 12.63
N GLU D 62 28.31 -1.14 12.09
CA GLU D 62 28.74 -0.17 11.11
C GLU D 62 27.75 -0.09 9.92
N LEU D 63 27.16 -1.23 9.53
CA LEU D 63 26.22 -1.26 8.41
C LEU D 63 24.92 -0.49 8.73
N LYS D 64 24.38 -0.70 9.93
CA LYS D 64 23.15 -0.03 10.37
C LYS D 64 23.35 1.48 10.29
N LEU D 65 24.54 1.94 10.67
CA LEU D 65 24.86 3.33 10.62
C LEU D 65 24.86 3.86 9.19
N LYS D 66 25.47 3.10 8.28
CA LYS D 66 25.57 3.49 6.85
C LYS D 66 24.21 3.41 6.15
N VAL D 67 23.31 2.61 6.67
CA VAL D 67 22.01 2.55 6.02
C VAL D 67 21.26 3.83 6.40
N LYS D 68 21.35 4.23 7.66
CA LYS D 68 20.67 5.45 8.10
C LYS D 68 21.15 6.70 7.34
N ASN D 69 22.46 6.80 7.19
CA ASN D 69 23.07 7.91 6.50
C ASN D 69 22.82 7.91 5.02
N ILE D 70 22.91 6.76 4.37
CA ILE D 70 22.67 6.67 2.94
C ILE D 70 21.20 6.92 2.66
N ALA D 71 20.36 6.45 3.56
CA ALA D 71 18.93 6.66 3.41
C ALA D 71 18.60 8.17 3.49
N GLN D 72 19.32 8.89 4.37
CA GLN D 72 19.16 10.34 4.57
C GLN D 72 19.61 11.12 3.31
N SER D 73 20.84 10.88 2.87
CA SER D 73 21.40 11.55 1.69
C SER D 73 20.60 11.29 0.42
N ALA D 74 19.91 10.15 0.38
CA ALA D 74 19.09 9.77 -0.77
C ALA D 74 17.78 10.53 -0.85
N ARG D 75 17.12 10.79 0.28
CA ARG D 75 15.86 11.55 0.26
C ARG D 75 16.19 12.97 -0.14
N ALA D 76 17.27 13.49 0.46
CA ALA D 76 17.72 14.82 0.19
C ALA D 76 17.96 14.95 -1.27
N ASN D 77 18.76 14.07 -1.83
CA ASN D 77 19.10 14.09 -3.25
C ASN D 77 17.91 13.99 -4.18
N LEU D 78 16.87 13.28 -3.76
CA LEU D 78 15.67 13.13 -4.55
C LEU D 78 15.02 14.49 -4.61
N ARG D 79 14.92 15.14 -3.45
CA ARG D 79 14.29 16.47 -3.29
C ARG D 79 15.04 17.55 -4.07
N THR D 80 16.35 17.55 -3.98
CA THR D 80 17.15 18.50 -4.71
C THR D 80 16.94 18.28 -6.19
N LEU D 81 17.04 17.04 -6.66
CA LEU D 81 16.85 16.72 -8.08
C LEU D 81 15.52 17.21 -8.63
N LEU D 82 14.48 17.03 -7.84
CA LEU D 82 13.14 17.44 -8.21
C LEU D 82 13.10 18.93 -8.55
N ARG D 83 13.81 19.77 -7.79
CA ARG D 83 13.82 21.20 -8.01
C ARG D 83 14.56 21.58 -9.27
N TYR D 84 15.74 21.00 -9.47
CA TYR D 84 16.54 21.29 -10.64
C TYR D 84 15.85 20.86 -11.92
N TYR D 85 15.05 19.80 -11.84
CA TYR D 85 14.33 19.36 -13.02
C TYR D 85 12.96 20.05 -13.21
N ASN D 86 12.65 20.98 -12.32
CA ASN D 86 11.37 21.74 -12.34
C ASN D 86 10.23 20.75 -12.41
N GLN D 87 10.29 19.71 -11.58
CA GLN D 87 9.22 18.71 -11.56
C GLN D 87 8.29 19.01 -10.42
N SER D 88 7.01 18.80 -10.65
CA SER D 88 5.99 19.09 -9.63
C SER D 88 6.15 18.18 -8.42
N GLU D 89 5.83 18.73 -7.24
CA GLU D 89 5.92 18.00 -5.97
C GLU D 89 4.80 16.98 -5.86
N GLY D 90 4.90 16.11 -4.86
CA GLY D 90 3.87 15.12 -4.67
C GLY D 90 3.88 13.99 -5.69
N GLY D 91 4.95 13.91 -6.46
CA GLY D 91 5.07 12.85 -7.45
C GLY D 91 6.13 11.86 -7.01
N SER D 92 6.13 10.67 -7.61
CA SER D 92 7.12 9.62 -7.29
C SER D 92 8.29 9.56 -8.29
N HIS D 93 9.49 9.59 -7.71
CA HIS D 93 10.71 9.57 -8.49
C HIS D 93 11.65 8.58 -7.89
N ILE D 94 12.46 7.98 -8.77
CA ILE D 94 13.41 6.95 -8.40
C ILE D 94 14.84 7.33 -8.72
N LEU D 95 15.72 7.21 -7.75
CA LEU D 95 17.13 7.48 -7.96
C LEU D 95 17.78 6.10 -7.74
N GLN D 96 18.65 5.67 -8.64
CA GLN D 96 19.31 4.39 -8.45
C GLN D 96 20.78 4.57 -8.64
N TRP D 97 21.58 3.74 -7.99
CA TRP D 97 23.02 3.77 -8.18
C TRP D 97 23.63 2.38 -7.92
N MET D 98 24.70 2.08 -8.64
CA MET D 98 25.42 0.84 -8.51
C MET D 98 26.82 1.17 -8.08
N VAL D 99 27.35 0.40 -7.14
CA VAL D 99 28.70 0.59 -6.65
C VAL D 99 29.35 -0.78 -6.75
N SER D 100 30.56 -0.84 -7.28
CA SER D 100 31.22 -2.11 -7.41
C SER D 100 32.73 -1.98 -7.54
N CYS D 101 33.38 -3.10 -7.31
CA CYS D 101 34.81 -3.26 -7.42
C CYS D 101 35.04 -4.70 -7.87
N GLU D 102 36.02 -4.85 -8.76
CA GLU D 102 36.40 -6.10 -9.37
C GLU D 102 37.86 -6.41 -9.14
N VAL D 103 38.20 -7.68 -8.88
CA VAL D 103 39.60 -8.10 -8.73
C VAL D 103 39.86 -9.18 -9.77
N GLY D 104 41.07 -9.23 -10.30
CA GLY D 104 41.40 -10.20 -11.32
C GLY D 104 41.69 -11.58 -10.77
N PRO D 105 42.14 -12.51 -11.63
CA PRO D 105 42.43 -13.87 -11.19
C PRO D 105 43.36 -13.88 -9.96
N ASP D 106 44.33 -12.97 -9.96
CA ASP D 106 45.30 -12.86 -8.89
C ASP D 106 44.86 -12.11 -7.63
N MET D 107 43.56 -11.87 -7.46
CA MET D 107 43.06 -11.14 -6.28
C MET D 107 43.49 -9.67 -6.12
N ARG D 108 44.12 -9.10 -7.13
CA ARG D 108 44.53 -7.68 -7.06
C ARG D 108 43.41 -6.84 -7.65
N LEU D 109 43.31 -5.55 -7.28
CA LEU D 109 42.23 -4.70 -7.83
C LEU D 109 42.34 -4.50 -9.35
N LEU D 110 41.23 -4.72 -10.06
CA LEU D 110 41.20 -4.61 -11.51
C LEU D 110 40.43 -3.40 -12.04
N GLY D 111 39.49 -2.88 -11.24
CA GLY D 111 38.69 -1.72 -11.62
C GLY D 111 37.57 -1.52 -10.62
N ALA D 112 36.77 -0.46 -10.78
CA ALA D 112 35.66 -0.15 -9.87
C ALA D 112 34.64 0.68 -10.62
N HIS D 113 33.37 0.66 -10.16
CA HIS D 113 32.30 1.42 -10.83
C HIS D 113 31.40 2.19 -9.91
N TYR D 114 30.94 3.33 -10.40
CA TYR D 114 29.99 4.13 -9.67
C TYR D 114 29.07 4.77 -10.70
N GLN D 115 27.76 4.63 -10.52
CA GLN D 115 26.89 5.18 -11.52
C GLN D 115 25.56 5.49 -10.92
N ALA D 116 24.89 6.53 -11.40
CA ALA D 116 23.56 6.90 -10.89
C ALA D 116 22.61 7.15 -12.03
N ALA D 117 21.33 6.97 -11.74
CA ALA D 117 20.26 7.18 -12.69
C ALA D 117 19.10 7.83 -11.98
N TYR D 118 18.40 8.70 -12.68
CA TYR D 118 17.23 9.38 -12.12
C TYR D 118 16.04 8.99 -12.98
N ASP D 119 15.07 8.32 -12.39
CA ASP D 119 13.89 7.88 -13.11
C ASP D 119 14.20 6.91 -14.26
N GLY D 120 15.13 6.00 -14.02
CA GLY D 120 15.42 5.05 -15.05
C GLY D 120 16.35 5.44 -16.18
N SER D 121 16.96 6.63 -16.11
CA SER D 121 17.90 7.06 -17.16
C SER D 121 19.24 7.44 -16.56
N ASP D 122 20.28 7.24 -17.35
CA ASP D 122 21.64 7.56 -16.94
C ASP D 122 21.67 9.00 -16.42
N TYR D 123 22.40 9.24 -15.36
CA TYR D 123 22.48 10.57 -14.81
C TYR D 123 23.95 10.96 -14.70
N ILE D 124 24.72 10.23 -13.90
CA ILE D 124 26.16 10.51 -13.79
C ILE D 124 26.97 9.22 -13.63
N THR D 125 28.06 9.11 -14.37
CA THR D 125 28.87 7.92 -14.37
C THR D 125 30.31 8.24 -13.99
N LEU D 126 30.92 7.44 -13.12
CA LEU D 126 32.31 7.63 -12.74
C LEU D 126 33.06 6.87 -13.79
N ASN D 127 34.12 7.45 -14.32
CA ASN D 127 34.88 6.79 -15.38
C ASN D 127 35.89 5.71 -14.95
N GLU D 128 36.23 4.88 -15.93
CA GLU D 128 37.16 3.78 -15.79
C GLU D 128 38.41 4.26 -15.08
N ASP D 129 38.84 5.49 -15.39
CA ASP D 129 40.03 6.08 -14.79
C ASP D 129 39.86 6.46 -13.32
N LEU D 130 38.62 6.53 -12.88
CA LEU D 130 38.26 6.84 -11.49
C LEU D 130 38.57 8.23 -11.00
N SER D 131 38.61 9.19 -11.93
CA SER D 131 38.89 10.60 -11.60
C SER D 131 38.02 11.64 -12.31
N SER D 132 37.42 11.25 -13.45
CA SER D 132 36.54 12.11 -14.23
C SER D 132 35.09 11.58 -14.36
N TRP D 133 34.12 12.49 -14.36
CA TRP D 133 32.71 12.12 -14.47
C TRP D 133 32.19 12.47 -15.84
N THR D 134 31.16 11.81 -16.27
CA THR D 134 30.62 12.11 -17.57
C THR D 134 29.17 12.35 -17.23
N ALA D 135 28.69 13.52 -17.64
CA ALA D 135 27.32 13.95 -17.38
C ALA D 135 26.55 13.84 -18.68
N VAL D 136 25.23 13.94 -18.62
CA VAL D 136 24.43 13.78 -19.83
C VAL D 136 23.59 14.97 -20.23
N ASP D 137 23.49 15.95 -19.33
CA ASP D 137 22.70 17.14 -19.55
C ASP D 137 23.24 18.24 -18.66
N MET D 138 22.59 19.42 -18.66
CA MET D 138 23.00 20.59 -17.85
C MET D 138 22.81 20.46 -16.34
N VAL D 139 21.84 19.65 -15.90
CA VAL D 139 21.63 19.44 -14.47
C VAL D 139 22.76 18.57 -13.92
N SER D 140 23.10 17.49 -14.62
CA SER D 140 24.18 16.62 -14.19
C SER D 140 25.54 17.27 -14.37
N GLN D 141 25.66 18.21 -15.31
CA GLN D 141 26.90 18.93 -15.51
C GLN D 141 27.19 19.81 -14.28
N ILE D 142 26.14 20.31 -13.63
CA ILE D 142 26.34 21.13 -12.42
C ILE D 142 26.91 20.21 -11.34
N THR D 143 26.30 19.04 -11.22
CA THR D 143 26.73 17.97 -10.29
C THR D 143 28.19 17.61 -10.57
N LYS D 144 28.51 17.30 -11.82
CA LYS D 144 29.86 16.98 -12.21
C LYS D 144 30.84 18.03 -11.66
N SER D 145 30.52 19.32 -11.86
CA SER D 145 31.39 20.41 -11.40
C SER D 145 31.56 20.46 -9.90
N ARG D 146 30.54 20.11 -9.14
CA ARG D 146 30.64 20.13 -7.69
C ARG D 146 31.55 19.00 -7.21
N LEU D 147 31.40 17.84 -7.83
CA LEU D 147 32.17 16.69 -7.45
C LEU D 147 33.62 16.88 -7.88
N GLU D 148 33.84 17.60 -8.97
CA GLU D 148 35.19 17.79 -9.43
C GLU D 148 35.99 18.66 -8.50
N SER D 149 35.40 19.73 -8.01
CA SER D 149 36.10 20.63 -7.10
C SER D 149 36.15 20.08 -5.67
N ALA D 150 35.05 19.46 -5.21
CA ALA D 150 34.99 18.88 -3.85
C ALA D 150 35.93 17.68 -3.71
N GLY D 151 36.47 17.25 -4.85
CA GLY D 151 37.39 16.11 -4.91
C GLY D 151 36.74 14.78 -4.58
N THR D 152 35.44 14.66 -4.81
CA THR D 152 34.72 13.42 -4.48
C THR D 152 35.29 12.08 -5.05
N ALA D 153 35.91 12.09 -6.22
CA ALA D 153 36.46 10.87 -6.80
C ALA D 153 37.49 10.20 -5.89
N GLU D 154 38.35 11.00 -5.26
CA GLU D 154 39.36 10.48 -4.39
C GLU D 154 38.75 9.77 -3.19
N TYR D 155 37.58 10.20 -2.75
CA TYR D 155 36.92 9.54 -1.63
C TYR D 155 36.34 8.21 -2.06
N PHE D 156 35.91 8.08 -3.31
CA PHE D 156 35.40 6.79 -3.74
C PHE D 156 36.62 5.92 -3.87
N ARG D 157 37.67 6.45 -4.49
CA ARG D 157 38.91 5.70 -4.65
C ARG D 157 39.36 5.19 -3.27
N ALA D 158 39.20 5.99 -2.23
CA ALA D 158 39.57 5.56 -0.88
C ALA D 158 38.69 4.42 -0.39
N TYR D 159 37.42 4.43 -0.76
CA TYR D 159 36.48 3.41 -0.35
C TYR D 159 36.80 2.08 -1.02
N VAL D 160 37.07 2.13 -2.31
CA VAL D 160 37.36 0.97 -3.10
C VAL D 160 38.55 0.17 -2.61
N GLU D 161 39.63 0.85 -2.28
CA GLU D 161 40.86 0.19 -1.82
C GLU D 161 40.80 -0.16 -0.38
N GLY D 162 39.82 0.38 0.32
CA GLY D 162 39.61 0.08 1.72
C GLY D 162 38.50 -0.96 1.85
N GLU D 163 37.28 -0.53 2.18
CA GLU D 163 36.15 -1.45 2.35
C GLU D 163 35.77 -2.40 1.21
N CYS D 164 35.82 -1.93 -0.02
CA CYS D 164 35.44 -2.79 -1.11
C CYS D 164 36.38 -3.99 -1.28
N LEU D 165 37.69 -3.75 -1.37
CA LEU D 165 38.65 -4.82 -1.49
C LEU D 165 38.57 -5.72 -0.23
N GLU D 166 38.55 -5.13 0.94
CA GLU D 166 38.45 -5.90 2.18
C GLU D 166 37.27 -6.88 2.19
N LEU D 167 36.09 -6.41 1.81
CA LEU D 167 34.89 -7.27 1.82
C LEU D 167 34.89 -8.30 0.72
N LEU D 168 35.35 -7.95 -0.46
CA LEU D 168 35.39 -8.91 -1.55
C LEU D 168 36.29 -10.02 -1.07
N HIS D 169 37.49 -9.64 -0.68
CA HIS D 169 38.49 -10.57 -0.22
C HIS D 169 38.00 -11.47 0.89
N ARG D 170 37.44 -10.89 1.92
CA ARG D 170 36.94 -11.70 3.01
C ARG D 170 35.80 -12.63 2.58
N PHE D 171 34.85 -12.11 1.80
CA PHE D 171 33.72 -12.91 1.31
C PHE D 171 34.17 -14.06 0.43
N LEU D 172 35.19 -13.83 -0.39
CA LEU D 172 35.71 -14.88 -1.25
C LEU D 172 36.39 -16.00 -0.46
N ARG D 173 37.11 -15.65 0.59
CA ARG D 173 37.78 -16.64 1.43
C ARG D 173 36.76 -17.44 2.26
N ASN D 174 35.89 -16.75 2.98
CA ASN D 174 34.89 -17.39 3.80
C ASN D 174 33.74 -18.00 3.03
N GLY D 175 33.65 -17.78 1.72
CA GLY D 175 32.53 -18.37 1.00
C GLY D 175 33.05 -19.04 -0.23
N LYS D 176 34.28 -19.49 -0.11
CA LYS D 176 35.02 -20.13 -1.18
C LYS D 176 34.34 -21.27 -1.89
N GLU D 177 33.74 -22.17 -1.11
CA GLU D 177 33.06 -23.37 -1.61
C GLU D 177 31.93 -23.00 -2.57
N ILE D 178 31.28 -21.88 -2.29
CA ILE D 178 30.19 -21.35 -3.09
C ILE D 178 30.65 -20.41 -4.22
N LEU D 179 31.56 -19.48 -3.95
CA LEU D 179 31.98 -18.53 -5.00
C LEU D 179 33.11 -18.92 -5.89
N GLN D 180 34.00 -19.78 -5.43
CA GLN D 180 35.10 -20.20 -6.26
C GLN D 180 34.83 -21.56 -6.91
N ARG D 181 33.61 -21.77 -7.40
CA ARG D 181 33.18 -23.00 -8.03
C ARG D 181 32.62 -22.73 -9.42
N ALA D 182 32.42 -23.79 -10.19
CA ALA D 182 31.82 -23.69 -11.51
C ALA D 182 31.10 -24.99 -11.73
N ASP D 183 29.78 -24.93 -11.59
CA ASP D 183 28.88 -26.04 -11.79
C ASP D 183 28.63 -26.09 -13.29
N PRO D 184 29.04 -27.16 -13.99
CA PRO D 184 28.79 -27.20 -15.43
C PRO D 184 27.30 -27.36 -15.72
N PRO D 185 26.88 -27.12 -16.98
CA PRO D 185 25.46 -27.28 -17.28
C PRO D 185 25.03 -28.72 -17.60
N LYS D 186 23.85 -29.10 -17.10
CA LYS D 186 23.21 -30.41 -17.39
C LYS D 186 22.30 -30.16 -18.61
N ALA D 187 22.75 -30.56 -19.79
CA ALA D 187 22.04 -30.32 -21.04
C ALA D 187 21.36 -31.52 -21.70
N HIS D 188 20.43 -31.23 -22.61
CA HIS D 188 19.68 -32.24 -23.37
C HIS D 188 18.80 -31.58 -24.39
N VAL D 189 18.45 -32.29 -25.46
CA VAL D 189 17.61 -31.75 -26.52
C VAL D 189 16.30 -32.46 -26.39
N ALA D 190 15.23 -31.68 -26.27
CA ALA D 190 13.90 -32.23 -26.17
C ALA D 190 13.29 -32.15 -27.58
N HIS D 191 12.25 -32.95 -27.82
CA HIS D 191 11.61 -33.04 -29.13
C HIS D 191 10.08 -32.87 -29.02
N HIS D 192 9.54 -31.82 -29.65
CA HIS D 192 8.11 -31.53 -29.62
C HIS D 192 7.50 -31.35 -31.01
N PRO D 193 6.66 -32.29 -31.43
CA PRO D 193 6.00 -32.25 -32.74
C PRO D 193 4.92 -31.15 -32.78
N ARG D 194 4.86 -30.45 -33.91
CA ARG D 194 3.87 -29.39 -34.13
C ARG D 194 2.67 -29.90 -34.92
N PRO D 195 1.45 -29.40 -34.60
CA PRO D 195 0.16 -29.76 -35.24
C PRO D 195 0.25 -29.58 -36.75
N LYS D 196 1.10 -28.64 -37.16
CA LYS D 196 1.37 -28.31 -38.54
C LYS D 196 2.01 -29.48 -39.34
N GLY D 197 2.95 -30.18 -38.70
CA GLY D 197 3.63 -31.30 -39.36
C GLY D 197 5.08 -31.47 -38.90
N ASP D 198 5.79 -30.35 -38.79
CA ASP D 198 7.20 -30.33 -38.37
C ASP D 198 7.42 -30.39 -36.84
N VAL D 199 8.66 -30.16 -36.40
CA VAL D 199 8.97 -30.28 -34.97
C VAL D 199 9.87 -29.19 -34.36
N THR D 200 9.63 -28.89 -33.09
CA THR D 200 10.44 -27.93 -32.34
C THR D 200 11.50 -28.75 -31.60
N LEU D 201 12.74 -28.32 -31.66
CA LEU D 201 13.82 -28.97 -30.96
C LEU D 201 14.29 -27.92 -29.93
N ARG D 202 14.17 -28.24 -28.67
CA ARG D 202 14.53 -27.32 -27.62
C ARG D 202 15.77 -27.82 -26.87
N CYS D 203 16.86 -27.09 -26.99
CA CYS D 203 18.09 -27.43 -26.31
C CYS D 203 18.09 -26.80 -24.93
N TRP D 204 18.08 -27.63 -23.90
CA TRP D 204 18.07 -27.18 -22.52
C TRP D 204 19.44 -27.23 -21.87
N ALA D 205 19.68 -26.37 -20.88
CA ALA D 205 20.92 -26.36 -20.11
C ALA D 205 20.37 -26.02 -18.75
N LEU D 206 20.57 -26.91 -17.78
CA LEU D 206 20.06 -26.71 -16.43
C LEU D 206 21.15 -26.83 -15.37
N GLY D 207 20.87 -26.30 -14.19
CA GLY D 207 21.79 -26.39 -13.07
C GLY D 207 23.19 -25.82 -13.09
N PHE D 208 23.44 -24.76 -13.86
CA PHE D 208 24.79 -24.19 -13.91
C PHE D 208 25.01 -22.96 -13.04
N TYR D 209 26.28 -22.69 -12.77
CA TYR D 209 26.75 -21.53 -12.01
C TYR D 209 28.21 -21.31 -12.47
N PRO D 210 28.59 -20.07 -12.87
CA PRO D 210 27.87 -18.79 -12.98
C PRO D 210 26.77 -18.82 -14.05
N ALA D 211 26.01 -17.74 -14.12
CA ALA D 211 24.92 -17.63 -15.08
C ALA D 211 25.32 -17.46 -16.53
N ASP D 212 26.51 -16.95 -16.79
CA ASP D 212 26.91 -16.73 -18.16
C ASP D 212 27.14 -18.02 -18.94
N ILE D 213 26.36 -18.19 -20.02
CA ILE D 213 26.43 -19.37 -20.87
C ILE D 213 26.03 -19.00 -22.30
N THR D 214 26.36 -19.86 -23.24
CA THR D 214 26.00 -19.64 -24.64
C THR D 214 25.43 -20.92 -25.23
N LEU D 215 24.15 -20.91 -25.60
CA LEU D 215 23.53 -22.05 -26.25
C LEU D 215 23.47 -21.58 -27.70
N THR D 216 23.72 -22.47 -28.65
CA THR D 216 23.72 -22.09 -30.06
C THR D 216 23.30 -23.28 -30.90
N TRP D 217 22.40 -23.06 -31.85
CA TRP D 217 21.98 -24.15 -32.72
C TRP D 217 22.65 -23.97 -34.07
N GLN D 218 22.91 -25.08 -34.74
CA GLN D 218 23.55 -25.07 -36.07
C GLN D 218 23.06 -26.27 -36.90
N LYS D 219 22.80 -26.06 -38.18
CA LYS D 219 22.39 -27.14 -39.07
C LYS D 219 23.67 -27.33 -39.86
N ASP D 220 24.40 -28.42 -39.60
CA ASP D 220 25.67 -28.67 -40.26
C ASP D 220 26.64 -27.52 -39.87
N GLU D 221 27.09 -26.70 -40.83
CA GLU D 221 28.00 -25.59 -40.52
C GLU D 221 27.38 -24.23 -40.84
N GLU D 222 26.18 -24.01 -40.33
CA GLU D 222 25.47 -22.75 -40.55
C GLU D 222 25.02 -22.24 -39.20
N ASP D 223 25.47 -21.05 -38.82
CA ASP D 223 25.09 -20.47 -37.53
C ASP D 223 23.66 -19.90 -37.62
N LEU D 224 22.75 -20.44 -36.82
CA LEU D 224 21.33 -20.02 -36.84
C LEU D 224 20.83 -19.08 -35.71
N THR D 225 21.76 -18.34 -35.08
CA THR D 225 21.47 -17.40 -33.99
C THR D 225 20.29 -16.45 -34.23
N GLN D 226 20.19 -15.98 -35.46
CA GLN D 226 19.13 -15.06 -35.87
C GLN D 226 17.75 -15.70 -36.00
N ASP D 227 17.70 -17.01 -36.26
CA ASP D 227 16.42 -17.72 -36.43
C ASP D 227 15.94 -18.60 -35.28
N MET D 228 16.66 -18.62 -34.18
CA MET D 228 16.26 -19.44 -33.06
C MET D 228 15.55 -18.63 -31.99
N GLU D 229 14.70 -19.30 -31.20
CA GLU D 229 13.94 -18.71 -30.08
C GLU D 229 14.75 -18.91 -28.78
N LEU D 230 14.95 -17.86 -28.00
CA LEU D 230 15.77 -17.94 -26.79
C LEU D 230 15.15 -17.24 -25.60
N VAL D 231 15.25 -17.84 -24.41
CA VAL D 231 14.73 -17.20 -23.20
C VAL D 231 15.96 -16.59 -22.54
N GLU D 232 15.83 -15.51 -21.78
CA GLU D 232 17.01 -14.95 -21.11
C GLU D 232 17.29 -15.88 -19.92
N THR D 233 18.55 -15.99 -19.54
CA THR D 233 18.91 -16.89 -18.45
C THR D 233 18.08 -16.62 -17.22
N ARG D 234 17.56 -17.68 -16.59
CA ARG D 234 16.71 -17.55 -15.41
C ARG D 234 17.17 -18.33 -14.18
N PRO D 235 16.91 -17.82 -12.97
CA PRO D 235 17.33 -18.52 -11.77
C PRO D 235 16.43 -19.73 -11.45
N SER D 236 17.07 -20.82 -11.04
CA SER D 236 16.32 -21.99 -10.67
C SER D 236 15.89 -21.85 -9.24
N GLY D 237 16.50 -20.92 -8.53
CA GLY D 237 16.13 -20.67 -7.15
C GLY D 237 17.01 -21.27 -6.06
N ASP D 238 17.91 -22.18 -6.44
CA ASP D 238 18.83 -22.87 -5.52
C ASP D 238 20.29 -22.47 -5.75
N GLY D 239 20.50 -21.36 -6.44
CA GLY D 239 21.84 -20.91 -6.70
C GLY D 239 22.36 -21.24 -8.08
N THR D 240 21.59 -21.98 -8.87
CA THR D 240 21.99 -22.34 -10.23
C THR D 240 21.01 -21.72 -11.20
N PHE D 241 21.33 -21.78 -12.49
CA PHE D 241 20.49 -21.19 -13.53
C PHE D 241 20.14 -22.18 -14.64
N GLN D 242 19.19 -21.79 -15.46
CA GLN D 242 18.74 -22.56 -16.60
C GLN D 242 18.42 -21.67 -17.78
N LYS D 243 18.40 -22.26 -18.96
CA LYS D 243 18.15 -21.52 -20.18
C LYS D 243 17.87 -22.55 -21.26
N TRP D 244 17.10 -22.18 -22.28
CA TRP D 244 16.84 -23.05 -23.41
C TRP D 244 16.78 -22.24 -24.69
N ALA D 245 17.08 -22.91 -25.81
CA ALA D 245 17.07 -22.35 -27.15
C ALA D 245 16.38 -23.36 -28.06
N ALA D 246 15.40 -22.91 -28.82
CA ALA D 246 14.63 -23.77 -29.71
C ALA D 246 14.67 -23.33 -31.17
N VAL D 247 14.63 -24.31 -32.08
CA VAL D 247 14.58 -24.05 -33.53
C VAL D 247 13.45 -24.93 -34.02
N VAL D 248 12.84 -24.55 -35.14
CA VAL D 248 11.76 -25.36 -35.71
C VAL D 248 12.38 -26.03 -36.91
N VAL D 249 12.29 -27.36 -36.93
CA VAL D 249 12.90 -28.17 -37.98
C VAL D 249 11.94 -29.12 -38.72
N PRO D 250 12.32 -29.51 -39.95
CA PRO D 250 11.49 -30.41 -40.74
C PRO D 250 11.52 -31.80 -40.13
N SER D 251 10.36 -32.45 -40.04
CA SER D 251 10.30 -33.80 -39.51
C SER D 251 11.13 -34.65 -40.46
N GLY D 252 12.11 -35.35 -39.91
CA GLY D 252 12.97 -36.18 -40.73
C GLY D 252 14.38 -35.59 -40.80
N GLU D 253 14.46 -34.26 -40.92
CA GLU D 253 15.74 -33.56 -41.01
C GLU D 253 16.37 -33.24 -39.65
N GLU D 254 15.88 -33.85 -38.57
CA GLU D 254 16.41 -33.60 -37.23
C GLU D 254 17.91 -33.86 -36.97
N GLN D 255 18.47 -34.88 -37.61
CA GLN D 255 19.87 -35.24 -37.37
C GLN D 255 20.95 -34.34 -37.93
N ARG D 256 20.53 -33.31 -38.66
CA ARG D 256 21.44 -32.35 -39.25
C ARG D 256 21.71 -31.21 -38.26
N TYR D 257 20.81 -31.05 -37.29
CA TYR D 257 20.90 -30.00 -36.28
C TYR D 257 21.71 -30.34 -35.02
N THR D 258 22.61 -29.44 -34.66
CA THR D 258 23.46 -29.63 -33.48
C THR D 258 23.37 -28.45 -32.51
N CYS D 259 23.26 -28.70 -31.21
CA CYS D 259 23.23 -27.66 -30.18
C CYS D 259 24.58 -27.60 -29.48
N TYR D 260 25.10 -26.39 -29.31
CA TYR D 260 26.38 -26.21 -28.63
C TYR D 260 26.15 -25.46 -27.32
N VAL D 261 26.78 -25.91 -26.26
CA VAL D 261 26.63 -25.23 -24.99
C VAL D 261 28.01 -24.85 -24.49
N HIS D 262 28.24 -23.56 -24.30
CA HIS D 262 29.53 -23.06 -23.82
C HIS D 262 29.37 -22.57 -22.39
N HIS D 263 30.20 -23.07 -21.48
CA HIS D 263 30.14 -22.66 -20.09
C HIS D 263 31.54 -22.89 -19.49
N GLU D 264 31.93 -22.07 -18.52
CA GLU D 264 33.25 -22.21 -17.93
C GLU D 264 33.44 -23.43 -17.04
N GLY D 265 32.35 -24.12 -16.78
CA GLY D 265 32.43 -25.32 -15.95
C GLY D 265 32.71 -26.51 -16.85
N LEU D 266 32.64 -26.26 -18.16
CA LEU D 266 32.85 -27.31 -19.16
C LEU D 266 34.22 -27.19 -19.79
N THR D 267 34.96 -28.29 -19.75
CA THR D 267 36.30 -28.36 -20.30
C THR D 267 36.31 -28.11 -21.79
N GLU D 268 35.26 -28.56 -22.43
CA GLU D 268 35.10 -28.43 -23.85
C GLU D 268 33.61 -28.34 -24.07
N PRO D 269 33.16 -27.46 -24.99
CA PRO D 269 31.73 -27.29 -25.28
C PRO D 269 31.00 -28.57 -25.61
N LEU D 270 29.75 -28.64 -25.19
CA LEU D 270 28.91 -29.77 -25.46
C LEU D 270 28.45 -29.67 -26.89
N ALA D 271 27.87 -30.74 -27.39
CA ALA D 271 27.34 -30.76 -28.73
C ALA D 271 26.35 -31.88 -28.62
N LEU D 272 25.07 -31.51 -28.64
CA LEU D 272 23.97 -32.45 -28.54
C LEU D 272 23.13 -32.37 -29.82
N LYS D 273 22.61 -33.50 -30.25
CA LYS D 273 21.73 -33.60 -31.40
C LYS D 273 20.59 -34.31 -30.73
N TRP D 274 19.47 -34.45 -31.41
CA TRP D 274 18.38 -35.16 -30.76
C TRP D 274 18.53 -36.67 -30.95
N ARG D 275 18.30 -37.44 -29.89
CA ARG D 275 18.30 -38.89 -30.02
C ARG D 275 17.51 -39.60 -28.95
N SER D 276 16.76 -40.57 -29.43
CA SER D 276 15.88 -41.45 -28.67
C SER D 276 15.26 -42.34 -29.75
N ILE E 1 11.04 7.03 -17.70
CA ILE E 1 10.38 6.12 -18.68
C ILE E 1 9.53 5.10 -17.90
N GLN E 2 8.83 4.23 -18.62
CA GLN E 2 7.99 3.20 -18.01
C GLN E 2 8.18 1.97 -18.90
N LYS E 3 8.58 0.85 -18.31
CA LYS E 3 8.84 -0.38 -19.06
C LYS E 3 7.94 -1.55 -18.65
N THR E 4 7.45 -2.28 -19.65
CA THR E 4 6.55 -3.42 -19.46
C THR E 4 7.27 -4.73 -19.12
N PRO E 5 6.89 -5.35 -17.99
CA PRO E 5 7.46 -6.61 -17.48
C PRO E 5 7.38 -7.81 -18.41
N GLN E 6 8.47 -8.55 -18.47
CA GLN E 6 8.55 -9.78 -19.25
C GLN E 6 8.29 -10.81 -18.15
N ILE E 7 7.55 -11.85 -18.46
CA ILE E 7 7.24 -12.86 -17.44
C ILE E 7 7.52 -14.28 -17.96
N GLN E 8 8.13 -15.09 -17.09
CA GLN E 8 8.47 -16.49 -17.37
C GLN E 8 8.03 -17.32 -16.18
N VAL E 9 7.24 -18.36 -16.43
CA VAL E 9 6.76 -19.26 -15.37
C VAL E 9 7.40 -20.58 -15.73
N TYR E 10 8.16 -21.15 -14.80
CA TYR E 10 8.88 -22.40 -15.07
C TYR E 10 9.16 -23.14 -13.76
N SER E 11 9.59 -24.39 -13.87
CA SER E 11 9.89 -25.20 -12.68
C SER E 11 11.41 -25.30 -12.43
N ARG E 12 11.79 -25.41 -11.16
CA ARG E 12 13.21 -25.54 -10.83
C ARG E 12 13.86 -26.76 -11.47
N HIS E 13 13.23 -27.94 -11.32
CA HIS E 13 13.76 -29.20 -11.89
C HIS E 13 12.76 -29.67 -12.93
N PRO E 14 13.19 -30.33 -14.02
CA PRO E 14 12.21 -30.78 -15.01
C PRO E 14 11.05 -31.42 -14.29
N PRO E 15 9.84 -31.34 -14.86
CA PRO E 15 8.72 -31.96 -14.14
C PRO E 15 8.33 -33.41 -14.48
N GLU E 16 7.72 -34.06 -13.49
CA GLU E 16 7.23 -35.40 -13.65
C GLU E 16 6.03 -35.42 -12.73
N ASN E 17 4.91 -35.93 -13.23
CA ASN E 17 3.67 -36.00 -12.45
C ASN E 17 3.78 -36.74 -11.12
N GLY E 18 3.32 -36.09 -10.06
CA GLY E 18 3.33 -36.67 -8.75
C GLY E 18 4.61 -36.40 -8.01
N LYS E 19 5.61 -35.81 -8.67
CA LYS E 19 6.89 -35.51 -8.02
C LYS E 19 7.03 -34.01 -7.68
N PRO E 20 7.12 -33.67 -6.36
CA PRO E 20 7.25 -32.29 -5.83
C PRO E 20 8.29 -31.48 -6.59
N ASN E 21 8.20 -30.15 -6.52
CA ASN E 21 9.10 -29.31 -7.30
C ASN E 21 8.90 -27.86 -6.82
N ILE E 22 9.61 -26.91 -7.41
CA ILE E 22 9.39 -25.52 -7.07
C ILE E 22 8.91 -24.77 -8.33
N LEU E 23 7.85 -24.00 -8.19
CA LEU E 23 7.36 -23.24 -9.31
C LEU E 23 7.87 -21.84 -9.18
N ASN E 24 8.49 -21.36 -10.25
CA ASN E 24 9.05 -20.03 -10.33
C ASN E 24 8.30 -19.10 -11.30
N CYS E 25 8.20 -17.84 -10.89
CA CYS E 25 7.64 -16.77 -11.73
C CYS E 25 8.73 -15.70 -11.71
N TYR E 26 9.50 -15.66 -12.78
CA TYR E 26 10.59 -14.70 -12.92
C TYR E 26 10.07 -13.47 -13.69
N VAL E 27 9.97 -12.32 -13.03
CA VAL E 27 9.48 -11.12 -13.72
C VAL E 27 10.62 -10.15 -13.96
N THR E 28 10.81 -9.69 -15.18
CA THR E 28 11.96 -8.83 -15.43
C THR E 28 11.73 -7.66 -16.34
N GLN E 29 12.72 -6.77 -16.36
CA GLN E 29 12.70 -5.61 -17.23
C GLN E 29 11.57 -4.63 -17.04
N PHE E 30 11.17 -4.37 -15.81
CA PHE E 30 10.10 -3.41 -15.60
C PHE E 30 10.61 -2.18 -14.86
N HIS E 31 9.83 -1.11 -14.94
CA HIS E 31 10.15 0.19 -14.31
C HIS E 31 8.90 1.06 -14.31
N PRO E 32 8.52 1.66 -13.17
CA PRO E 32 9.08 1.68 -11.81
C PRO E 32 9.08 0.31 -11.08
N PRO E 33 9.69 0.24 -9.88
CA PRO E 33 9.73 -1.03 -9.15
C PRO E 33 8.45 -1.55 -8.55
N HIS E 34 7.43 -0.73 -8.39
CA HIS E 34 6.18 -1.24 -7.79
C HIS E 34 5.51 -2.26 -8.66
N ILE E 35 5.33 -3.46 -8.12
CA ILE E 35 4.68 -4.52 -8.85
C ILE E 35 3.91 -5.41 -7.91
N GLU E 36 2.84 -6.01 -8.43
CA GLU E 36 1.99 -6.92 -7.65
C GLU E 36 2.03 -8.29 -8.33
N ILE E 37 2.35 -9.32 -7.57
CA ILE E 37 2.46 -10.65 -8.15
C ILE E 37 1.68 -11.68 -7.35
N GLN E 38 1.06 -12.61 -8.04
CA GLN E 38 0.31 -13.66 -7.36
C GLN E 38 0.51 -14.92 -8.18
N MET E 39 0.52 -16.06 -7.50
CA MET E 39 0.66 -17.29 -8.23
C MET E 39 -0.59 -18.06 -7.91
N LEU E 40 -1.09 -18.75 -8.92
CA LEU E 40 -2.35 -19.43 -8.77
C LEU E 40 -2.31 -20.91 -9.12
N LYS E 41 -3.07 -21.70 -8.37
CA LYS E 41 -3.21 -23.13 -8.61
C LYS E 41 -4.70 -23.29 -8.84
N ASN E 42 -5.10 -23.73 -10.04
CA ASN E 42 -6.53 -23.93 -10.31
C ASN E 42 -7.35 -22.67 -9.99
N GLY E 43 -6.85 -21.52 -10.42
CA GLY E 43 -7.56 -20.28 -10.19
C GLY E 43 -7.60 -19.70 -8.79
N LYS E 44 -7.09 -20.42 -7.80
CA LYS E 44 -7.04 -19.93 -6.43
C LYS E 44 -5.63 -19.44 -6.16
N LYS E 45 -5.54 -18.36 -5.39
CA LYS E 45 -4.27 -17.74 -5.05
C LYS E 45 -3.51 -18.64 -4.11
N ILE E 46 -2.24 -18.90 -4.42
CA ILE E 46 -1.42 -19.73 -3.58
C ILE E 46 -1.03 -18.91 -2.34
N PRO E 47 -1.32 -19.44 -1.12
CA PRO E 47 -1.04 -18.80 0.18
C PRO E 47 0.42 -18.52 0.50
N LYS E 48 1.26 -19.56 0.49
CA LYS E 48 2.66 -19.36 0.79
C LYS E 48 3.50 -19.16 -0.47
N VAL E 49 3.75 -17.89 -0.82
CA VAL E 49 4.58 -17.54 -1.98
C VAL E 49 5.78 -16.71 -1.47
N GLU E 50 6.97 -17.25 -1.70
CA GLU E 50 8.20 -16.61 -1.28
C GLU E 50 8.58 -15.69 -2.39
N MET E 51 8.96 -14.47 -2.02
CA MET E 51 9.37 -13.46 -2.99
C MET E 51 10.80 -13.13 -2.77
N SER E 52 11.58 -13.12 -3.82
CA SER E 52 12.95 -12.74 -3.68
C SER E 52 12.98 -11.23 -3.40
N ASP E 53 14.19 -10.69 -3.22
CA ASP E 53 14.40 -9.27 -2.98
C ASP E 53 14.54 -8.62 -4.36
N MET E 54 13.95 -7.44 -4.50
CA MET E 54 13.99 -6.69 -5.73
C MET E 54 15.38 -6.14 -6.10
N SER E 55 15.84 -6.38 -7.31
CA SER E 55 17.14 -5.83 -7.73
C SER E 55 16.98 -5.25 -9.15
N PHE E 56 18.06 -4.76 -9.76
CA PHE E 56 17.93 -4.22 -11.09
C PHE E 56 19.15 -4.48 -11.94
N SER E 57 18.99 -4.45 -13.26
CA SER E 57 20.10 -4.71 -14.16
C SER E 57 20.86 -3.47 -14.57
N LYS E 58 21.82 -3.64 -15.47
CA LYS E 58 22.64 -2.55 -16.00
C LYS E 58 21.89 -1.47 -16.80
N ASP E 59 20.65 -1.77 -17.24
CA ASP E 59 19.82 -0.81 -18.02
C ASP E 59 18.78 -0.17 -17.10
N TRP E 60 19.02 -0.35 -15.81
CA TRP E 60 18.22 0.13 -14.69
C TRP E 60 16.90 -0.54 -14.45
N SER E 61 16.50 -1.50 -15.26
CA SER E 61 15.20 -2.16 -15.03
C SER E 61 15.27 -3.22 -13.91
N PHE E 62 14.18 -3.34 -13.18
CA PHE E 62 14.09 -4.28 -12.10
C PHE E 62 13.71 -5.72 -12.51
N TYR E 63 13.99 -6.64 -11.61
CA TYR E 63 13.67 -8.04 -11.78
C TYR E 63 13.41 -8.61 -10.40
N ILE E 64 12.58 -9.65 -10.34
CA ILE E 64 12.25 -10.29 -9.07
C ILE E 64 11.79 -11.71 -9.39
N LEU E 65 11.86 -12.60 -8.40
CA LEU E 65 11.45 -13.99 -8.60
C LEU E 65 10.51 -14.42 -7.52
N ALA E 66 9.39 -15.01 -7.93
CA ALA E 66 8.42 -15.50 -6.99
C ALA E 66 8.45 -17.02 -7.12
N HIS E 67 8.29 -17.74 -6.03
CA HIS E 67 8.29 -19.18 -6.15
C HIS E 67 7.44 -19.82 -5.06
N THR E 68 7.12 -21.08 -5.26
CA THR E 68 6.32 -21.82 -4.30
C THR E 68 6.53 -23.26 -4.71
N GLU E 69 6.31 -24.20 -3.81
CA GLU E 69 6.51 -25.59 -4.18
C GLU E 69 5.19 -26.15 -4.65
N PHE E 70 5.21 -26.92 -5.71
CA PHE E 70 3.99 -27.50 -6.24
C PHE E 70 4.30 -28.93 -6.65
N THR E 71 3.30 -29.63 -7.19
CA THR E 71 3.49 -30.99 -7.63
C THR E 71 2.73 -31.10 -8.92
N PRO E 72 3.42 -31.27 -10.07
CA PRO E 72 2.76 -31.38 -11.37
C PRO E 72 1.72 -32.50 -11.39
N THR E 73 0.61 -32.28 -12.09
CA THR E 73 -0.47 -33.25 -12.18
C THR E 73 -0.92 -33.26 -13.63
N GLU E 74 -1.82 -34.16 -13.95
CA GLU E 74 -2.37 -34.26 -15.31
C GLU E 74 -3.38 -33.14 -15.52
N THR E 75 -4.10 -32.82 -14.44
CA THR E 75 -5.16 -31.82 -14.40
C THR E 75 -4.78 -30.41 -14.01
N ASP E 76 -4.46 -30.23 -12.74
CA ASP E 76 -4.09 -28.94 -12.18
C ASP E 76 -3.43 -27.92 -13.09
N THR E 77 -3.88 -26.67 -12.95
CA THR E 77 -3.32 -25.56 -13.72
C THR E 77 -2.61 -24.61 -12.76
N TYR E 78 -1.45 -24.14 -13.18
CA TYR E 78 -0.67 -23.24 -12.35
C TYR E 78 -0.35 -21.99 -13.19
N ALA E 79 -0.56 -20.82 -12.61
CA ALA E 79 -0.32 -19.58 -13.36
C ALA E 79 0.32 -18.52 -12.51
N CYS E 80 0.86 -17.50 -13.15
CA CYS E 80 1.42 -16.39 -12.40
C CYS E 80 0.73 -15.12 -12.94
N ARG E 81 0.16 -14.32 -12.05
CA ARG E 81 -0.53 -13.08 -12.44
C ARG E 81 0.17 -11.85 -11.89
N VAL E 82 0.54 -10.91 -12.76
CA VAL E 82 1.21 -9.66 -12.33
C VAL E 82 0.50 -8.39 -12.83
N LYS E 83 0.68 -7.33 -12.06
CA LYS E 83 0.11 -6.03 -12.32
C LYS E 83 1.21 -5.02 -12.12
N HIS E 84 1.41 -4.17 -13.12
CA HIS E 84 2.39 -3.11 -13.05
C HIS E 84 1.65 -1.86 -13.60
N ASP E 85 2.04 -0.66 -13.17
CA ASP E 85 1.38 0.57 -13.64
C ASP E 85 1.45 0.74 -15.15
N SER E 86 2.27 -0.04 -15.82
CA SER E 86 2.37 0.09 -17.26
C SER E 86 1.38 -0.79 -18.00
N MET E 87 0.42 -1.37 -17.28
CA MET E 87 -0.56 -2.27 -17.90
C MET E 87 -2.00 -1.98 -17.45
N ALA E 88 -2.96 -1.83 -18.37
CA ALA E 88 -4.32 -1.52 -17.96
C ALA E 88 -4.89 -2.55 -17.05
N GLU E 89 -4.83 -3.79 -17.51
CA GLU E 89 -5.33 -4.94 -16.78
C GLU E 89 -4.19 -5.91 -16.43
N PRO E 90 -4.38 -6.72 -15.37
CA PRO E 90 -3.40 -7.72 -14.90
C PRO E 90 -3.17 -8.82 -15.93
N LYS E 91 -1.92 -9.22 -16.10
CA LYS E 91 -1.59 -10.27 -17.05
C LYS E 91 -1.44 -11.64 -16.37
N THR E 92 -2.12 -12.66 -16.91
CA THR E 92 -2.06 -14.03 -16.39
C THR E 92 -1.24 -14.93 -17.29
N VAL E 93 -0.13 -15.48 -16.77
CA VAL E 93 0.76 -16.39 -17.51
C VAL E 93 0.74 -17.82 -16.94
N TYR E 94 0.27 -18.75 -17.76
CA TYR E 94 0.14 -20.18 -17.38
C TYR E 94 1.37 -21.01 -17.58
N TRP E 95 1.58 -21.92 -16.66
CA TRP E 95 2.71 -22.82 -16.71
C TRP E 95 2.51 -23.83 -17.86
N ASP E 96 3.55 -24.04 -18.66
CA ASP E 96 3.55 -24.99 -19.75
C ASP E 96 4.68 -25.94 -19.34
N ARG E 97 4.42 -27.24 -19.26
CA ARG E 97 5.45 -28.20 -18.83
C ARG E 97 6.59 -28.45 -19.83
N ASP E 98 6.49 -27.92 -21.02
CA ASP E 98 7.54 -28.11 -22.01
C ASP E 98 8.45 -26.89 -22.19
N MET E 99 8.32 -25.88 -21.34
CA MET E 99 9.14 -24.69 -21.47
C MET E 99 9.61 -24.22 -20.09
N TYR F 2 27.89 3.09 0.18
CA TYR F 2 28.17 4.51 0.33
C TYR F 2 27.51 5.38 -0.80
N PHE F 3 27.28 6.67 -0.51
CA PHE F 3 26.62 7.61 -1.43
C PHE F 3 27.34 8.95 -1.50
N ILE F 4 27.33 9.54 -2.70
CA ILE F 4 27.94 10.83 -3.01
C ILE F 4 26.81 11.87 -3.15
N ASN F 5 27.09 13.15 -2.88
CA ASN F 5 26.01 14.15 -3.03
C ASN F 5 25.75 14.79 -4.36
N ILE F 6 24.70 14.27 -4.98
CA ILE F 6 24.22 14.66 -6.29
C ILE F 6 23.65 16.08 -6.31
N LEU F 7 24.13 16.84 -7.29
CA LEU F 7 23.80 18.25 -7.50
C LEU F 7 24.60 19.11 -6.52
N THR F 8 24.49 18.76 -5.25
CA THR F 8 25.18 19.45 -4.17
C THR F 8 24.82 18.83 -2.81
N LEU F 9 23.62 19.14 -2.32
CA LEU F 9 23.12 18.59 -1.05
C LEU F 9 21.90 17.68 -1.33
#